data_7VFX
#
_entry.id   7VFX
#
_cell.length_a   1.00
_cell.length_b   1.00
_cell.length_c   1.00
_cell.angle_alpha   90.00
_cell.angle_beta   90.00
_cell.angle_gamma   90.00
#
_symmetry.space_group_name_H-M   'P 1'
#
loop_
_entity.id
_entity.type
_entity.pdbx_description
1 polymer 'fMet-Leu-Phe receptor'
2 polymer 'Guanine nucleotide-binding protein G(i) subunit alpha-1'
3 polymer 'Guanine nucleotide-binding protein G(I)/G(S)/G(T) subunit beta-1'
4 polymer 'Guanine nucleotide-binding protein G(I)/G(S)/G(O) subunit gamma-2'
5 polymer scFv16
6 polymer 'Peptide agonist fMIFL'
7 non-polymer CHOLESTEROL
8 non-polymer 'PALMITIC ACID'
#
loop_
_entity_poly.entity_id
_entity_poly.type
_entity_poly.pdbx_seq_one_letter_code
_entity_poly.pdbx_strand_id
1 'polypeptide(L)'
;DYKDDDDKLEVLFQGPGSMETNSSLPTNISGGTPAVSAGYLFLDIITYLVFAVTFVLGVLGNGLVIWVAGFRMTHTVTTI
SYLNLAVADFCFTSTLPFFMVRKAMGGHWPFGWFLCKFVFTIVDINLFGSVFLIALIALDRCVCVLHPVWTQNHRTVSLA
KKVIIGPWVMALLLTLPVIIRVTTVPGKTGTVACTFNFSPWTNDPKERINVAVAMLTVRGIIRFIIGFSAPMSIVAVSYG
LIATKIHKQGLIKSSRPLRVLSFVAAAFFLCWSPYQVVALIATVRIRELLQGMYKEIGIAVDVTSALAFFNSCLNPMLYV
FMGQDFRERLIHALPASLERALTEDSTQTSDTATNSTLPSAEVELQAKHHHHHHHHHH
;
R
2 'polypeptide(L)'
;MGCTLSAEDKAAVERSKMIDRNLREDGEKAAREVKLLLLGAGESGKSTIVKQMKIIHEAGYSEEECKQYKAVVYSNTIQS
IIAIIRAMGRLKIDFGDSARADDARQLFVLAGAAEEGFMTAELAGVIKRLWKDSGVQACFNRSREYQLNDSAAYYLNDLD
RIAQPNYIPTQQDVLRTRVKTTGIVETHFTFKDLHFKMFDVGGQRSERKKWIHCFEGVTAIIFCVALSDYDLVLAEDEEM
NRMHESMKLFDSICNNKWFTDTSIILFLNKKDLFEEKIKKSPLTICYPEYAGSNTYEEAAAYIQCQFEDLNKRKDTKEIY
THFTCATDTKNVQFVFDAVTDVIIKNNLKDCGLF
;
A
3 'polypeptide(L)'
;HHHHHHLEVLFQGPGSSGSELDQLRQEAEQLKNQIRDARKACADATLSQITNNIDPVGRIQMRTRRTLRGHLAKIYAMHW
GTDSRLLVSASQDGKLIIWDSYTTNKVHAIPLRSSWVMTCAYAPSGNYVACGGLDNICSIYNLKTREGNVRVSRELAGHT
GYLSCCRFLDDNQIVTSSGDTTCALWDIETGQQTTTFTGHTGDVMSLSLAPDTRLFVSGACDASAKLWDVREGMCRQTFT
GHESDINAICFFPNGNAFATGSDDATCRLFDLRADQELMTYSHDNIICGITSVSFSKSGRLLLAGYDDFNCNVWDALKAD
RAGVLAGHDNRVSCLGVTDDGMAVATGSWDSFLKIWN
;
B
4 'polypeptide(L)' MASNNTASIAQARKLVEQLKMEANIDRIKVSKAAADLMAYCEAHAKEDPLLTPVPASENPFREKKFFCAIL G
5 'polypeptide(L)'
;DVQLVESGGGLVQPGGSRKLSCSASGFAFSSFGMHWVRQAPEKGLEWVAYISSGSGTIYYADTVKGRFTISRDDPKNTLF
LQMTSLRSEDTAMYYCVRSIYYYGSSPFDFWGQGTTLTVSSGGGGSGGGGSGGGGSDIVMTQATSSVPVTPGESVSISCR
SSKSLLHSNGNTYLYWFLQRPGQSPQLLIYRMSNLASGVPDRFSGSGSGTAFTLTISRLEAEDVGVYYCMQHLEYPLTFG
AGTKLELKGSLEVLFQGPAAAHHHHHHHH
;
S
6 'polypeptide(L)' (FME)IFL C
#
loop_
_chem_comp.id
_chem_comp.type
_chem_comp.name
_chem_comp.formula
CLR non-polymer CHOLESTEROL 'C27 H46 O'
PLM non-polymer 'PALMITIC ACID' 'C16 H32 O2'
#
# COMPACT_ATOMS: atom_id res chain seq x y z
N TYR A 40 10.62 54.20 27.61
CA TYR A 40 11.30 53.17 26.83
C TYR A 40 10.98 51.78 27.37
N LEU A 41 10.40 51.74 28.58
CA LEU A 41 10.02 50.46 29.17
C LEU A 41 8.91 49.78 28.38
N PHE A 42 8.13 50.54 27.62
CA PHE A 42 7.07 49.97 26.79
C PHE A 42 7.65 49.02 25.75
N LEU A 43 8.74 49.42 25.09
CA LEU A 43 9.38 48.58 24.09
C LEU A 43 9.85 47.27 24.71
N ASP A 44 10.51 47.34 25.87
CA ASP A 44 11.06 46.14 26.49
C ASP A 44 9.96 45.17 26.91
N ILE A 45 8.88 45.68 27.51
CA ILE A 45 7.82 44.78 27.97
C ILE A 45 7.09 44.18 26.78
N ILE A 46 6.87 44.95 25.72
CA ILE A 46 6.19 44.39 24.55
C ILE A 46 7.08 43.34 23.89
N THR A 47 8.40 43.56 23.87
CA THR A 47 9.31 42.58 23.30
C THR A 47 9.31 41.29 24.12
N TYR A 48 9.31 41.42 25.45
CA TYR A 48 9.27 40.23 26.30
C TYR A 48 7.98 39.45 26.10
N LEU A 49 6.85 40.16 26.04
CA LEU A 49 5.57 39.48 25.83
C LEU A 49 5.55 38.79 24.47
N VAL A 50 6.07 39.44 23.43
CA VAL A 50 6.10 38.83 22.11
C VAL A 50 6.95 37.57 22.12
N PHE A 51 8.14 37.63 22.74
CA PHE A 51 8.97 36.44 22.85
C PHE A 51 8.24 35.31 23.56
N ALA A 52 7.59 35.62 24.68
CA ALA A 52 6.91 34.57 25.44
C ALA A 52 5.80 33.92 24.62
N VAL A 53 4.91 34.74 24.06
CA VAL A 53 3.77 34.19 23.32
C VAL A 53 4.24 33.46 22.07
N THR A 54 5.26 34.01 21.38
CA THR A 54 5.81 33.34 20.22
C THR A 54 6.37 31.97 20.59
N PHE A 55 7.18 31.92 21.66
CA PHE A 55 7.74 30.64 22.07
C PHE A 55 6.65 29.62 22.33
N VAL A 56 5.70 29.95 23.20
CA VAL A 56 4.71 28.95 23.59
C VAL A 56 3.84 28.54 22.39
N LEU A 57 3.29 29.52 21.67
CA LEU A 57 2.33 29.21 20.62
C LEU A 57 3.01 28.57 19.42
N GLY A 58 4.19 29.06 19.03
CA GLY A 58 4.91 28.47 17.93
C GLY A 58 5.36 27.05 18.21
N VAL A 59 5.91 26.81 19.40
CA VAL A 59 6.31 25.45 19.75
C VAL A 59 5.11 24.52 19.70
N LEU A 60 3.99 24.95 20.29
CA LEU A 60 2.79 24.11 20.26
C LEU A 60 2.33 23.84 18.84
N GLY A 61 2.14 24.90 18.05
CA GLY A 61 1.57 24.73 16.72
C GLY A 61 2.45 23.88 15.83
N ASN A 62 3.76 24.16 15.84
CA ASN A 62 4.66 23.40 14.99
C ASN A 62 4.81 21.96 15.45
N GLY A 63 4.75 21.72 16.77
CA GLY A 63 4.76 20.34 17.24
C GLY A 63 3.55 19.56 16.77
N LEU A 64 2.36 20.14 16.89
CA LEU A 64 1.17 19.47 16.37
C LEU A 64 1.23 19.28 14.86
N VAL A 65 1.74 20.28 14.12
CA VAL A 65 1.83 20.13 12.68
C VAL A 65 2.77 19.00 12.30
N ILE A 66 3.94 18.93 12.96
CA ILE A 66 4.88 17.84 12.70
C ILE A 66 4.24 16.50 13.02
N TRP A 67 3.58 16.41 14.18
CA TRP A 67 2.96 15.16 14.59
C TRP A 67 1.92 14.69 13.58
N VAL A 68 1.03 15.59 13.17
CA VAL A 68 -0.06 15.20 12.28
C VAL A 68 0.45 14.89 10.88
N ALA A 69 1.32 15.75 10.34
CA ALA A 69 1.73 15.60 8.94
C ALA A 69 2.73 14.47 8.76
N GLY A 70 3.63 14.27 9.72
CA GLY A 70 4.68 13.28 9.54
C GLY A 70 4.30 11.86 9.92
N PHE A 71 3.27 11.69 10.73
CA PHE A 71 2.89 10.37 11.22
C PHE A 71 1.48 9.96 10.81
N ARG A 72 0.50 10.84 11.01
CA ARG A 72 -0.90 10.45 10.84
C ARG A 72 -1.37 10.48 9.40
N MET A 73 -0.54 10.92 8.46
CA MET A 73 -0.95 11.06 7.07
C MET A 73 0.02 10.36 6.14
N THR A 74 -0.47 10.01 4.96
CA THR A 74 0.38 9.51 3.90
C THR A 74 1.09 10.67 3.21
N HIS A 75 2.38 10.49 2.94
CA HIS A 75 3.19 11.60 2.44
C HIS A 75 2.87 11.91 0.99
N THR A 76 2.67 13.19 0.70
CA THR A 76 2.58 13.73 -0.64
C THR A 76 3.59 14.86 -0.77
N VAL A 77 3.60 15.51 -1.94
CA VAL A 77 4.51 16.64 -2.14
C VAL A 77 4.12 17.79 -1.21
N THR A 78 2.83 18.09 -1.15
CA THR A 78 2.35 19.17 -0.30
C THR A 78 2.65 18.90 1.17
N THR A 79 2.39 17.68 1.63
CA THR A 79 2.66 17.34 3.01
C THR A 79 4.15 17.37 3.32
N ILE A 80 4.98 16.96 2.37
CA ILE A 80 6.43 17.02 2.58
C ILE A 80 6.89 18.47 2.74
N SER A 81 6.40 19.35 1.88
CA SER A 81 6.79 20.76 1.99
C SER A 81 6.34 21.35 3.32
N TYR A 82 5.09 21.07 3.72
CA TYR A 82 4.62 21.59 4.99
C TYR A 82 5.37 21.00 6.17
N LEU A 83 5.79 19.74 6.07
CA LEU A 83 6.57 19.12 7.13
C LEU A 83 7.94 19.77 7.27
N ASN A 84 8.59 20.07 6.14
CA ASN A 84 9.87 20.77 6.22
C ASN A 84 9.71 22.15 6.84
N LEU A 85 8.66 22.87 6.45
CA LEU A 85 8.42 24.19 7.03
C LEU A 85 8.19 24.07 8.54
N ALA A 86 7.38 23.11 8.97
CA ALA A 86 7.09 22.92 10.38
C ALA A 86 8.36 22.56 11.16
N VAL A 87 9.19 21.68 10.59
CA VAL A 87 10.42 21.30 11.26
C VAL A 87 11.33 22.51 11.46
N ALA A 88 11.49 23.32 10.42
CA ALA A 88 12.33 24.51 10.54
C ALA A 88 11.78 25.46 11.60
N ASP A 89 10.47 25.71 11.56
CA ASP A 89 9.86 26.64 12.51
C ASP A 89 9.99 26.16 13.94
N PHE A 90 9.77 24.86 14.18
CA PHE A 90 9.87 24.33 15.53
C PHE A 90 11.29 24.37 16.04
N CYS A 91 12.24 23.90 15.23
CA CYS A 91 13.64 23.90 15.64
C CYS A 91 14.15 25.31 15.87
N PHE A 92 13.56 26.33 15.23
CA PHE A 92 13.91 27.69 15.57
C PHE A 92 13.26 28.14 16.87
N THR A 93 11.93 27.96 16.98
CA THR A 93 11.20 28.49 18.13
C THR A 93 11.63 27.86 19.44
N SER A 94 12.24 26.67 19.39
CA SER A 94 12.70 26.05 20.63
C SER A 94 13.81 26.85 21.31
N THR A 95 14.47 27.76 20.59
CA THR A 95 15.63 28.48 21.10
C THR A 95 15.30 29.89 21.60
N LEU A 96 14.02 30.24 21.67
CA LEU A 96 13.65 31.57 22.15
C LEU A 96 14.06 31.85 23.60
N PRO A 97 13.94 30.92 24.57
CA PRO A 97 14.32 31.27 25.95
C PRO A 97 15.76 31.71 26.09
N PHE A 98 16.67 31.27 25.22
CA PHE A 98 18.03 31.79 25.27
C PHE A 98 18.07 33.28 24.97
N PHE A 99 17.33 33.72 23.95
CA PHE A 99 17.21 35.15 23.69
C PHE A 99 16.58 35.86 24.87
N MET A 100 15.55 35.26 25.47
CA MET A 100 14.87 35.88 26.59
C MET A 100 15.81 36.08 27.78
N VAL A 101 16.62 35.07 28.09
CA VAL A 101 17.49 35.16 29.26
C VAL A 101 18.71 36.02 28.95
N ARG A 102 19.09 36.15 27.67
CA ARG A 102 20.17 37.07 27.35
C ARG A 102 19.72 38.51 27.46
N LYS A 103 18.51 38.81 26.99
CA LYS A 103 17.98 40.16 27.13
C LYS A 103 17.63 40.48 28.59
N ALA A 104 17.13 39.49 29.33
CA ALA A 104 16.74 39.73 30.72
C ALA A 104 17.93 40.11 31.59
N MET A 105 19.06 39.44 31.41
CA MET A 105 20.26 39.73 32.17
C MET A 105 21.02 40.95 31.65
N GLY A 106 20.42 41.71 30.73
CA GLY A 106 21.04 42.92 30.23
C GLY A 106 22.08 42.70 29.15
N GLY A 107 22.31 41.46 28.73
CA GLY A 107 23.29 41.16 27.70
C GLY A 107 24.29 40.09 28.09
N HIS A 108 24.34 39.69 29.34
CA HIS A 108 25.28 38.66 29.77
C HIS A 108 24.91 37.31 29.17
N TRP A 109 25.93 36.57 28.73
CA TRP A 109 25.75 35.21 28.22
C TRP A 109 26.26 34.25 29.28
N PRO A 110 25.41 33.80 30.20
CA PRO A 110 25.87 32.92 31.28
C PRO A 110 26.40 31.57 30.82
N PHE A 111 26.05 31.14 29.62
CA PHE A 111 26.44 29.83 29.10
C PHE A 111 27.87 29.89 28.57
N GLY A 112 28.28 28.80 27.91
CA GLY A 112 29.63 28.67 27.44
C GLY A 112 29.81 29.01 25.97
N TRP A 113 31.05 28.83 25.51
CA TRP A 113 31.40 29.01 24.10
C TRP A 113 30.58 28.10 23.18
N PHE A 114 30.61 26.80 23.47
CA PHE A 114 30.01 25.81 22.58
C PHE A 114 28.51 26.00 22.48
N LEU A 115 27.86 26.32 23.60
CA LEU A 115 26.40 26.45 23.57
C LEU A 115 25.97 27.65 22.74
N CYS A 116 26.69 28.77 22.85
CA CYS A 116 26.38 29.93 22.00
C CYS A 116 26.58 29.59 20.53
N LYS A 117 27.72 28.99 20.21
CA LYS A 117 27.97 28.61 18.81
C LYS A 117 26.84 27.74 18.28
N PHE A 118 26.46 26.72 19.06
CA PHE A 118 25.44 25.77 18.62
C PHE A 118 24.09 26.46 18.44
N VAL A 119 23.65 27.23 19.43
CA VAL A 119 22.32 27.83 19.37
C VAL A 119 22.22 28.83 18.24
N PHE A 120 23.28 29.61 17.99
CA PHE A 120 23.17 30.61 16.93
C PHE A 120 23.30 29.98 15.55
N THR A 121 24.09 28.91 15.41
CA THR A 121 24.08 28.17 14.16
C THR A 121 22.69 27.63 13.86
N ILE A 122 22.03 27.05 14.87
CA ILE A 122 20.69 26.51 14.69
C ILE A 122 19.72 27.63 14.27
N VAL A 123 19.79 28.76 14.97
CA VAL A 123 18.88 29.88 14.69
C VAL A 123 19.02 30.34 13.24
N ASP A 124 20.27 30.56 12.81
CA ASP A 124 20.46 31.09 11.46
C ASP A 124 20.04 30.07 10.40
N ILE A 125 20.40 28.79 10.60
CA ILE A 125 20.02 27.77 9.63
C ILE A 125 18.51 27.71 9.50
N ASN A 126 17.80 27.75 10.62
CA ASN A 126 16.36 27.57 10.57
C ASN A 126 15.66 28.78 9.99
N LEU A 127 16.16 29.99 10.25
CA LEU A 127 15.54 31.16 9.63
C LEU A 127 15.71 31.14 8.11
N PHE A 128 16.93 30.85 7.64
CA PHE A 128 17.13 30.80 6.19
C PHE A 128 16.30 29.68 5.55
N GLY A 129 16.26 28.52 6.20
CA GLY A 129 15.44 27.43 5.67
C GLY A 129 13.98 27.79 5.61
N SER A 130 13.48 28.50 6.62
CA SER A 130 12.08 28.90 6.64
C SER A 130 11.74 29.80 5.46
N VAL A 131 12.54 30.85 5.25
CA VAL A 131 12.21 31.76 4.16
C VAL A 131 12.32 31.05 2.80
N PHE A 132 13.36 30.21 2.63
CA PHE A 132 13.53 29.52 1.35
C PHE A 132 12.39 28.54 1.10
N LEU A 133 11.93 27.84 2.13
CA LEU A 133 10.84 26.90 1.95
C LEU A 133 9.53 27.63 1.65
N ILE A 134 9.32 28.80 2.24
CA ILE A 134 8.13 29.59 1.90
C ILE A 134 8.15 29.96 0.42
N ALA A 135 9.31 30.43 -0.06
CA ALA A 135 9.42 30.76 -1.47
C ALA A 135 9.18 29.54 -2.36
N LEU A 136 9.71 28.38 -1.95
CA LEU A 136 9.53 27.17 -2.75
C LEU A 136 8.07 26.75 -2.80
N ILE A 137 7.35 26.87 -1.68
CA ILE A 137 5.93 26.52 -1.68
C ILE A 137 5.15 27.44 -2.61
N ALA A 138 5.47 28.74 -2.59
CA ALA A 138 4.80 29.67 -3.50
C ALA A 138 5.06 29.29 -4.95
N LEU A 139 6.32 28.97 -5.29
CA LEU A 139 6.64 28.59 -6.66
C LEU A 139 5.92 27.30 -7.06
N ASP A 140 5.83 26.35 -6.14
CA ASP A 140 5.13 25.09 -6.44
C ASP A 140 3.67 25.33 -6.76
N ARG A 141 3.00 26.16 -5.95
CA ARG A 141 1.60 26.48 -6.25
C ARG A 141 1.45 27.18 -7.59
N CYS A 142 2.35 28.12 -7.88
CA CYS A 142 2.29 28.82 -9.16
C CYS A 142 2.43 27.86 -10.33
N VAL A 143 3.40 26.94 -10.25
CA VAL A 143 3.62 26.01 -11.36
C VAL A 143 2.42 25.09 -11.51
N CYS A 144 1.86 24.61 -10.39
CA CYS A 144 0.70 23.74 -10.48
C CYS A 144 -0.47 24.44 -11.16
N VAL A 145 -0.71 25.71 -10.82
CA VAL A 145 -1.85 26.42 -11.42
C VAL A 145 -1.58 26.73 -12.89
N LEU A 146 -0.36 27.17 -13.22
CA LEU A 146 -0.11 27.70 -14.56
C LEU A 146 0.19 26.62 -15.58
N HIS A 147 0.71 25.46 -15.17
CA HIS A 147 1.10 24.39 -16.10
C HIS A 147 0.56 23.06 -15.62
N PRO A 148 -0.76 22.85 -15.72
CA PRO A 148 -1.34 21.59 -15.24
C PRO A 148 -0.82 20.36 -15.95
N VAL A 149 -0.50 20.46 -17.25
CA VAL A 149 -0.06 19.28 -17.99
C VAL A 149 1.31 18.84 -17.51
N TRP A 150 2.20 19.79 -17.22
CA TRP A 150 3.55 19.43 -16.77
C TRP A 150 3.50 18.73 -15.41
N THR A 151 2.68 19.23 -14.50
CA THR A 151 2.62 18.62 -13.17
C THR A 151 1.99 17.24 -13.21
N GLN A 152 1.08 16.99 -14.15
CA GLN A 152 0.49 15.66 -14.28
C GLN A 152 1.53 14.62 -14.67
N ASN A 153 2.61 15.05 -15.34
CA ASN A 153 3.62 14.12 -15.84
C ASN A 153 4.87 14.05 -14.98
N HIS A 154 5.19 15.08 -14.19
CA HIS A 154 6.52 15.14 -13.59
C HIS A 154 6.53 15.49 -12.11
N ARG A 155 5.36 15.76 -11.51
CA ARG A 155 5.31 16.15 -10.11
C ARG A 155 5.14 14.91 -9.26
N THR A 156 6.24 14.41 -8.69
CA THR A 156 6.23 13.16 -7.95
C THR A 156 6.94 13.33 -6.61
N VAL A 157 6.76 12.32 -5.75
CA VAL A 157 7.36 12.35 -4.42
C VAL A 157 8.88 12.25 -4.50
N SER A 158 9.39 11.45 -5.45
CA SER A 158 10.84 11.37 -5.63
C SER A 158 11.42 12.71 -6.05
N LEU A 159 10.74 13.41 -6.96
CA LEU A 159 11.20 14.73 -7.37
C LEU A 159 11.15 15.71 -6.21
N ALA A 160 10.09 15.64 -5.39
CA ALA A 160 10.02 16.51 -4.22
C ALA A 160 11.18 16.23 -3.26
N LYS A 161 11.48 14.94 -3.06
CA LYS A 161 12.60 14.57 -2.18
C LYS A 161 13.91 15.12 -2.69
N LYS A 162 14.15 15.04 -3.99
CA LYS A 162 15.38 15.59 -4.54
C LYS A 162 15.41 17.12 -4.43
N VAL A 163 14.27 17.77 -4.65
CA VAL A 163 14.24 19.24 -4.71
C VAL A 163 14.40 19.85 -3.33
N ILE A 164 13.84 19.24 -2.30
CA ILE A 164 13.81 19.87 -0.98
C ILE A 164 15.19 19.88 -0.33
N ILE A 165 16.19 19.36 -1.02
CA ILE A 165 17.55 19.43 -0.51
C ILE A 165 18.14 20.82 -0.69
N GLY A 166 17.70 21.56 -1.72
CA GLY A 166 18.28 22.83 -2.07
C GLY A 166 18.25 23.89 -0.98
N PRO A 167 17.07 24.17 -0.42
CA PRO A 167 17.02 25.19 0.65
C PRO A 167 17.92 24.89 1.84
N TRP A 168 18.02 23.64 2.25
CA TRP A 168 18.83 23.30 3.41
C TRP A 168 20.31 23.50 3.13
N VAL A 169 20.77 23.07 1.96
CA VAL A 169 22.17 23.25 1.58
C VAL A 169 22.48 24.74 1.46
N MET A 170 21.57 25.51 0.86
CA MET A 170 21.78 26.96 0.76
C MET A 170 21.86 27.61 2.13
N ALA A 171 21.01 27.17 3.06
CA ALA A 171 21.06 27.70 4.41
C ALA A 171 22.40 27.38 5.07
N LEU A 172 22.89 26.15 4.90
CA LEU A 172 24.19 25.80 5.47
C LEU A 172 25.31 26.65 4.88
N LEU A 173 25.29 26.83 3.56
CA LEU A 173 26.33 27.63 2.91
C LEU A 173 26.29 29.07 3.39
N LEU A 174 25.09 29.63 3.58
CA LEU A 174 24.98 31.00 4.08
C LEU A 174 25.28 31.12 5.57
N THR A 175 25.17 30.02 6.32
CA THR A 175 25.37 30.08 7.77
C THR A 175 26.79 29.73 8.19
N LEU A 176 27.62 29.21 7.28
CA LEU A 176 29.01 28.95 7.62
C LEU A 176 29.71 30.10 8.37
N PRO A 177 29.49 31.38 8.07
CA PRO A 177 30.14 32.43 8.88
C PRO A 177 29.80 32.37 10.37
N VAL A 178 28.56 32.05 10.74
CA VAL A 178 28.23 32.08 12.17
C VAL A 178 28.91 30.93 12.91
N ILE A 179 29.12 29.80 12.23
CA ILE A 179 29.85 28.68 12.85
C ILE A 179 31.35 28.86 12.78
N ILE A 180 31.84 29.76 11.94
CA ILE A 180 33.29 29.99 11.83
C ILE A 180 33.76 31.10 12.77
N ARG A 181 33.03 32.21 12.86
CA ARG A 181 33.58 33.42 13.47
C ARG A 181 32.91 33.85 14.78
N VAL A 182 31.87 33.14 15.25
CA VAL A 182 31.17 33.60 16.43
C VAL A 182 31.75 32.95 17.69
N THR A 183 31.95 33.76 18.73
CA THR A 183 32.56 33.30 19.96
C THR A 183 32.17 34.25 21.09
N THR A 184 32.41 33.79 22.33
CA THR A 184 32.17 34.62 23.50
C THR A 184 33.33 35.58 23.70
N VAL A 185 33.01 36.80 24.13
CA VAL A 185 34.02 37.80 24.47
C VAL A 185 33.63 38.46 25.79
N PRO A 186 34.60 38.77 26.65
CA PRO A 186 34.26 39.37 27.95
C PRO A 186 34.19 40.89 27.92
N GLY A 187 33.06 41.43 28.39
CA GLY A 187 32.93 42.85 28.61
C GLY A 187 33.51 43.23 29.96
N LYS A 188 34.29 44.32 29.96
CA LYS A 188 35.15 44.67 31.08
C LYS A 188 34.39 44.88 32.38
N THR A 189 33.08 45.14 32.30
CA THR A 189 32.27 45.33 33.51
C THR A 189 32.03 44.03 34.27
N GLY A 190 32.75 42.97 33.90
CA GLY A 190 32.55 41.67 34.48
C GLY A 190 31.61 40.77 33.72
N THR A 191 31.11 41.21 32.57
CA THR A 191 30.12 40.45 31.83
C THR A 191 30.79 39.65 30.72
N VAL A 192 30.01 38.79 30.08
CA VAL A 192 30.46 38.03 28.91
C VAL A 192 29.32 37.98 27.92
N ALA A 193 29.55 38.42 26.69
CA ALA A 193 28.56 38.35 25.64
C ALA A 193 29.17 37.66 24.44
N CYS A 194 28.38 36.85 23.74
CA CYS A 194 28.90 36.09 22.61
C CYS A 194 28.42 36.73 21.31
N THR A 195 29.39 37.07 20.45
CA THR A 195 29.13 37.82 19.24
C THR A 195 30.18 37.44 18.20
N PHE A 196 30.26 38.25 17.14
CA PHE A 196 31.17 37.97 16.05
C PHE A 196 32.60 38.39 16.42
N ASN A 197 33.56 37.50 16.17
CA ASN A 197 34.98 37.80 16.33
C ASN A 197 35.64 37.56 14.97
N PHE A 198 35.64 38.60 14.14
CA PHE A 198 36.17 38.45 12.78
C PHE A 198 37.69 38.45 12.76
N SER A 199 38.34 39.18 13.66
CA SER A 199 39.79 39.27 13.74
C SER A 199 40.24 39.00 15.15
N PRO A 200 40.39 37.73 15.55
CA PRO A 200 40.97 37.42 16.85
C PRO A 200 42.49 37.51 16.87
N TRP A 201 43.15 37.40 15.72
CA TRP A 201 44.61 37.37 15.66
C TRP A 201 45.23 38.73 15.97
N THR A 202 44.45 39.79 16.05
CA THR A 202 44.95 41.13 16.35
C THR A 202 44.19 41.70 17.54
N ASN A 203 44.87 42.54 18.32
CA ASN A 203 44.32 43.05 19.58
C ASN A 203 43.84 44.49 19.51
N ASP A 204 44.48 45.36 18.74
CA ASP A 204 44.12 46.76 18.76
C ASP A 204 42.78 46.98 18.03
N PRO A 205 42.07 48.05 18.38
CA PRO A 205 40.83 48.36 17.66
C PRO A 205 41.06 48.87 16.25
N LYS A 206 42.27 49.36 15.93
CA LYS A 206 42.48 50.08 14.68
C LYS A 206 42.20 49.21 13.46
N GLU A 207 42.64 47.97 13.47
CA GLU A 207 42.38 47.07 12.36
C GLU A 207 41.09 46.29 12.52
N ARG A 208 40.75 45.88 13.75
CA ARG A 208 39.55 45.09 13.95
C ARG A 208 38.30 45.88 13.60
N ILE A 209 38.31 47.20 13.80
CA ILE A 209 37.16 48.01 13.42
C ILE A 209 36.93 47.94 11.92
N ASN A 210 38.00 48.10 11.14
CA ASN A 210 37.86 48.04 9.68
C ASN A 210 37.44 46.64 9.23
N VAL A 211 38.03 45.61 9.81
CA VAL A 211 37.68 44.24 9.43
C VAL A 211 36.21 43.97 9.73
N ALA A 212 35.76 44.36 10.94
CA ALA A 212 34.37 44.17 11.32
C ALA A 212 33.44 44.95 10.40
N VAL A 213 33.82 46.17 10.03
CA VAL A 213 32.98 46.98 9.14
C VAL A 213 32.82 46.27 7.81
N ALA A 214 33.93 45.81 7.21
CA ALA A 214 33.86 45.15 5.91
C ALA A 214 33.02 43.88 5.99
N MET A 215 33.27 43.06 7.01
CA MET A 215 32.56 41.78 7.11
C MET A 215 31.08 41.98 7.39
N LEU A 216 30.72 42.89 8.29
CA LEU A 216 29.32 43.17 8.54
C LEU A 216 28.65 43.80 7.33
N THR A 217 29.38 44.59 6.54
CA THR A 217 28.79 45.16 5.34
C THR A 217 28.46 44.08 4.32
N VAL A 218 29.39 43.16 4.07
CA VAL A 218 29.09 42.10 3.11
C VAL A 218 28.00 41.18 3.64
N ARG A 219 27.98 40.94 4.96
CA ARG A 219 26.91 40.15 5.55
C ARG A 219 25.56 40.83 5.37
N GLY A 220 25.49 42.15 5.58
CA GLY A 220 24.24 42.86 5.41
C GLY A 220 23.77 42.87 3.97
N ILE A 221 24.70 42.99 3.02
CA ILE A 221 24.32 42.94 1.62
C ILE A 221 23.76 41.58 1.26
N ILE A 222 24.45 40.51 1.67
CA ILE A 222 23.94 39.16 1.41
C ILE A 222 22.59 38.97 2.05
N ARG A 223 22.40 39.50 3.26
CA ARG A 223 21.11 39.38 3.94
C ARG A 223 20.00 40.09 3.19
N PHE A 224 20.19 41.37 2.87
CA PHE A 224 19.14 42.13 2.20
C PHE A 224 18.82 41.57 0.82
N ILE A 225 19.80 41.02 0.12
CA ILE A 225 19.49 40.47 -1.19
C ILE A 225 18.84 39.09 -1.03
N ILE A 226 19.60 38.11 -0.56
CA ILE A 226 19.15 36.72 -0.63
C ILE A 226 17.97 36.48 0.30
N GLY A 227 18.07 36.92 1.55
CA GLY A 227 17.04 36.56 2.51
C GLY A 227 15.73 37.31 2.34
N PHE A 228 15.74 38.46 1.68
CA PHE A 228 14.54 39.26 1.57
C PHE A 228 14.07 39.44 0.13
N SER A 229 14.92 39.93 -0.77
CA SER A 229 14.43 40.37 -2.07
C SER A 229 13.96 39.19 -2.91
N ALA A 230 14.77 38.13 -2.98
CA ALA A 230 14.39 36.96 -3.77
C ALA A 230 13.12 36.29 -3.27
N PRO A 231 12.95 35.96 -1.99
CA PRO A 231 11.69 35.34 -1.57
C PRO A 231 10.48 36.22 -1.80
N MET A 232 10.59 37.52 -1.50
CA MET A 232 9.47 38.43 -1.75
C MET A 232 9.13 38.49 -3.23
N SER A 233 10.14 38.59 -4.09
CA SER A 233 9.89 38.64 -5.53
C SER A 233 9.20 37.37 -6.00
N ILE A 234 9.68 36.21 -5.54
CA ILE A 234 9.10 34.94 -5.97
C ILE A 234 7.65 34.85 -5.52
N VAL A 235 7.38 35.17 -4.25
CA VAL A 235 6.02 35.07 -3.74
C VAL A 235 5.09 36.03 -4.48
N ALA A 236 5.55 37.27 -4.69
CA ALA A 236 4.73 38.26 -5.36
C ALA A 236 4.40 37.84 -6.78
N VAL A 237 5.42 37.45 -7.55
CA VAL A 237 5.20 37.06 -8.94
C VAL A 237 4.30 35.83 -9.02
N SER A 238 4.55 34.83 -8.17
CA SER A 238 3.77 33.60 -8.20
C SER A 238 2.29 33.87 -7.91
N TYR A 239 2.01 34.60 -6.83
CA TYR A 239 0.63 34.82 -6.47
C TYR A 239 -0.05 35.81 -7.41
N GLY A 240 0.70 36.75 -7.97
CA GLY A 240 0.13 37.61 -8.99
C GLY A 240 -0.27 36.84 -10.25
N LEU A 241 0.59 35.92 -10.69
CA LEU A 241 0.25 35.10 -11.84
C LEU A 241 -0.96 34.21 -11.56
N ILE A 242 -1.00 33.61 -10.37
CA ILE A 242 -2.15 32.76 -10.01
C ILE A 242 -3.43 33.59 -10.01
N ALA A 243 -3.40 34.77 -9.40
CA ALA A 243 -4.58 35.62 -9.36
C ALA A 243 -4.99 36.06 -10.76
N THR A 244 -4.03 36.44 -11.60
CA THR A 244 -4.35 36.87 -12.95
C THR A 244 -5.03 35.76 -13.74
N LYS A 245 -4.47 34.55 -13.70
CA LYS A 245 -5.08 33.46 -14.46
C LYS A 245 -6.45 33.10 -13.90
N ILE A 246 -6.55 32.95 -12.57
CA ILE A 246 -7.81 32.53 -11.97
C ILE A 246 -8.89 33.58 -12.12
N HIS A 247 -8.52 34.83 -12.39
CA HIS A 247 -9.51 35.88 -12.60
C HIS A 247 -9.84 36.12 -14.06
N LYS A 248 -8.91 35.85 -14.97
CA LYS A 248 -9.17 36.02 -16.39
C LYS A 248 -9.86 34.81 -17.01
N GLN A 249 -9.29 33.62 -16.85
CA GLN A 249 -9.85 32.45 -17.53
C GLN A 249 -11.18 32.06 -16.91
N GLY A 250 -11.40 32.42 -15.66
CA GLY A 250 -12.70 32.21 -15.04
C GLY A 250 -12.88 30.84 -14.41
N LEU A 251 -13.36 30.82 -13.17
CA LEU A 251 -13.69 29.61 -12.44
C LEU A 251 -15.13 29.70 -11.95
N ILE A 252 -15.57 28.63 -11.28
CA ILE A 252 -16.92 28.63 -10.70
C ILE A 252 -16.99 29.64 -9.56
N LYS A 253 -15.90 29.78 -8.81
CA LYS A 253 -15.80 30.81 -7.77
C LYS A 253 -14.33 31.12 -7.54
N SER A 254 -14.06 32.34 -7.04
CA SER A 254 -12.70 32.79 -6.89
C SER A 254 -12.42 33.53 -5.59
N SER A 255 -13.40 33.71 -4.71
CA SER A 255 -13.19 34.48 -3.49
C SER A 255 -12.20 33.78 -2.56
N ARG A 256 -12.40 32.47 -2.31
CA ARG A 256 -11.57 31.76 -1.35
C ARG A 256 -10.10 31.71 -1.75
N PRO A 257 -9.72 31.32 -2.98
CA PRO A 257 -8.29 31.31 -3.31
C PRO A 257 -7.64 32.67 -3.20
N LEU A 258 -8.32 33.73 -3.67
CA LEU A 258 -7.74 35.06 -3.59
C LEU A 258 -7.58 35.51 -2.14
N ARG A 259 -8.57 35.22 -1.30
CA ARG A 259 -8.48 35.60 0.10
C ARG A 259 -7.33 34.90 0.79
N VAL A 260 -7.17 33.59 0.56
CA VAL A 260 -6.10 32.84 1.22
C VAL A 260 -4.74 33.30 0.72
N LEU A 261 -4.61 33.52 -0.60
CA LEU A 261 -3.33 33.99 -1.12
C LEU A 261 -2.96 35.35 -0.57
N SER A 262 -3.94 36.26 -0.49
CA SER A 262 -3.67 37.59 0.05
C SER A 262 -3.28 37.51 1.52
N PHE A 263 -3.97 36.67 2.30
CA PHE A 263 -3.59 36.48 3.69
C PHE A 263 -2.14 36.03 3.82
N VAL A 264 -1.77 35.00 3.05
CA VAL A 264 -0.42 34.44 3.17
C VAL A 264 0.63 35.49 2.80
N ALA A 265 0.46 36.13 1.64
CA ALA A 265 1.45 37.08 1.17
C ALA A 265 1.56 38.28 2.09
N ALA A 266 0.42 38.82 2.53
CA ALA A 266 0.44 39.98 3.41
C ALA A 266 1.06 39.63 4.76
N ALA A 267 0.77 38.43 5.28
CA ALA A 267 1.36 38.03 6.56
C ALA A 267 2.88 37.96 6.44
N PHE A 268 3.38 37.33 5.37
CA PHE A 268 4.82 37.25 5.19
C PHE A 268 5.45 38.63 5.09
N PHE A 269 4.87 39.51 4.27
CA PHE A 269 5.44 40.83 4.06
C PHE A 269 5.44 41.64 5.36
N LEU A 270 4.30 41.69 6.05
CA LEU A 270 4.22 42.44 7.29
C LEU A 270 5.18 41.92 8.34
N CYS A 271 5.28 40.59 8.46
CA CYS A 271 6.16 40.02 9.47
C CYS A 271 7.63 40.33 9.19
N TRP A 272 8.05 40.29 7.92
CA TRP A 272 9.48 40.31 7.66
C TRP A 272 10.04 41.67 7.23
N SER A 273 9.28 42.48 6.49
CA SER A 273 9.87 43.66 5.86
C SER A 273 10.48 44.67 6.82
N PRO A 274 9.81 45.08 7.92
CA PRO A 274 10.42 46.11 8.79
C PRO A 274 11.77 45.71 9.35
N TYR A 275 11.95 44.44 9.72
CA TYR A 275 13.24 44.01 10.26
C TYR A 275 14.33 44.14 9.21
N GLN A 276 14.05 43.74 7.97
CA GLN A 276 15.05 43.85 6.91
C GLN A 276 15.38 45.32 6.62
N VAL A 277 14.37 46.19 6.61
CA VAL A 277 14.66 47.58 6.28
C VAL A 277 15.47 48.25 7.40
N VAL A 278 15.13 47.96 8.66
CA VAL A 278 15.90 48.55 9.75
C VAL A 278 17.30 47.96 9.81
N ALA A 279 17.46 46.68 9.47
CA ALA A 279 18.80 46.09 9.44
C ALA A 279 19.64 46.69 8.33
N LEU A 280 19.02 47.01 7.18
CA LEU A 280 19.75 47.70 6.13
C LEU A 280 20.18 49.09 6.58
N ILE A 281 19.26 49.83 7.23
CA ILE A 281 19.62 51.14 7.76
C ILE A 281 20.78 51.03 8.74
N ALA A 282 20.76 49.99 9.58
CA ALA A 282 21.83 49.78 10.54
C ALA A 282 23.15 49.47 9.85
N THR A 283 23.13 48.54 8.90
CA THR A 283 24.38 48.11 8.26
C THR A 283 24.96 49.16 7.32
N VAL A 284 24.16 50.14 6.89
CA VAL A 284 24.74 51.26 6.15
C VAL A 284 25.60 52.10 7.08
N ARG A 285 25.13 52.37 8.30
CA ARG A 285 25.87 53.11 9.31
C ARG A 285 26.42 52.19 10.39
N ILE A 286 26.87 50.99 10.00
CA ILE A 286 27.33 50.02 10.98
C ILE A 286 28.60 50.49 11.68
N ARG A 287 29.48 51.20 10.96
CA ARG A 287 30.74 51.63 11.54
C ARG A 287 30.52 52.54 12.75
N GLU A 288 29.64 53.54 12.60
CA GLU A 288 29.36 54.45 13.70
C GLU A 288 28.62 53.76 14.85
N LEU A 289 27.93 52.65 14.57
CA LEU A 289 27.19 51.94 15.61
C LEU A 289 28.12 51.31 16.64
N LEU A 290 29.26 50.79 16.20
CA LEU A 290 30.14 50.02 17.09
C LEU A 290 30.72 50.90 18.20
N GLN A 291 30.80 52.20 17.99
CA GLN A 291 31.36 53.11 18.99
C GLN A 291 30.29 53.74 19.88
N GLY A 292 29.05 53.27 19.79
CA GLY A 292 28.01 53.73 20.70
C GLY A 292 27.47 55.11 20.42
N MET A 293 27.61 55.61 19.19
CA MET A 293 27.03 56.89 18.80
C MET A 293 25.64 56.76 18.19
N TYR A 294 25.13 55.53 18.09
CA TYR A 294 23.75 55.29 17.63
C TYR A 294 23.17 54.20 18.54
N LYS A 295 22.03 54.50 19.16
CA LYS A 295 21.39 53.56 20.08
C LYS A 295 19.95 53.26 19.69
N GLU A 296 19.21 54.26 19.21
CA GLU A 296 17.85 54.03 18.75
C GLU A 296 17.82 53.06 17.58
N ILE A 297 18.90 53.03 16.78
CA ILE A 297 19.01 52.02 15.73
C ILE A 297 19.03 50.62 16.33
N GLY A 298 19.83 50.44 17.38
CA GLY A 298 19.88 49.13 18.03
C GLY A 298 18.56 48.74 18.66
N ILE A 299 17.87 49.71 19.28
CA ILE A 299 16.59 49.38 19.90
C ILE A 299 15.56 49.05 18.84
N ALA A 300 15.58 49.75 17.71
CA ALA A 300 14.68 49.40 16.61
C ALA A 300 14.98 48.00 16.10
N VAL A 301 16.27 47.66 15.99
CA VAL A 301 16.64 46.31 15.55
C VAL A 301 16.09 45.25 16.50
N ASP A 302 16.31 45.44 17.80
CA ASP A 302 15.89 44.41 18.75
C ASP A 302 14.39 44.39 18.98
N VAL A 303 13.66 45.43 18.59
CA VAL A 303 12.20 45.37 18.60
C VAL A 303 11.67 44.68 17.35
N THR A 304 12.18 45.06 16.17
CA THR A 304 11.72 44.43 14.93
C THR A 304 12.11 42.95 14.86
N SER A 305 13.13 42.53 15.60
CA SER A 305 13.50 41.12 15.59
C SER A 305 12.36 40.25 16.10
N ALA A 306 11.66 40.70 17.14
CA ALA A 306 10.54 39.94 17.66
C ALA A 306 9.43 39.78 16.61
N LEU A 307 9.12 40.87 15.90
CA LEU A 307 8.12 40.79 14.84
C LEU A 307 8.56 39.82 13.75
N ALA A 308 9.85 39.86 13.38
CA ALA A 308 10.36 38.91 12.39
C ALA A 308 10.21 37.47 12.88
N PHE A 309 10.51 37.22 14.15
CA PHE A 309 10.40 35.85 14.67
C PHE A 309 8.95 35.40 14.79
N PHE A 310 8.00 36.32 14.91
CA PHE A 310 6.60 35.93 15.06
C PHE A 310 6.06 35.20 13.83
N ASN A 311 6.69 35.35 12.67
CA ASN A 311 6.22 34.65 11.48
C ASN A 311 6.38 33.14 11.62
N SER A 312 7.43 32.69 12.31
CA SER A 312 7.61 31.26 12.55
C SER A 312 6.50 30.68 13.41
N CYS A 313 5.78 31.52 14.14
CA CYS A 313 4.61 31.10 14.89
C CYS A 313 3.33 31.23 14.07
N LEU A 314 3.24 32.23 13.20
CA LEU A 314 2.07 32.38 12.34
C LEU A 314 2.02 31.35 11.23
N ASN A 315 3.16 30.78 10.83
CA ASN A 315 3.19 29.88 9.68
C ASN A 315 2.28 28.67 9.80
N PRO A 316 2.24 27.93 10.92
CA PRO A 316 1.40 26.72 10.95
C PRO A 316 -0.07 26.98 10.67
N MET A 317 -0.67 28.00 11.29
CA MET A 317 -2.06 28.32 11.00
C MET A 317 -2.26 28.62 9.51
N LEU A 318 -1.59 29.65 9.02
CA LEU A 318 -1.81 30.13 7.65
C LEU A 318 -1.52 29.06 6.60
N TYR A 319 -0.64 28.11 6.88
CA TYR A 319 -0.23 27.16 5.84
C TYR A 319 -0.82 25.77 5.99
N VAL A 320 -1.29 25.37 7.18
CA VAL A 320 -1.81 24.03 7.38
C VAL A 320 -3.23 24.02 7.93
N PHE A 321 -3.67 25.03 8.67
CA PHE A 321 -4.99 24.99 9.28
C PHE A 321 -5.98 25.92 8.61
N MET A 322 -5.63 26.48 7.45
CA MET A 322 -6.64 27.05 6.55
C MET A 322 -7.25 25.99 5.65
N GLY A 323 -6.71 24.77 5.67
CA GLY A 323 -7.31 23.66 4.96
C GLY A 323 -8.24 22.87 5.86
N GLN A 324 -9.36 22.44 5.30
CA GLN A 324 -10.40 21.81 6.11
C GLN A 324 -10.00 20.42 6.58
N ASP A 325 -9.44 19.59 5.69
CA ASP A 325 -9.13 18.21 6.05
C ASP A 325 -8.13 18.13 7.19
N PHE A 326 -7.12 19.01 7.18
CA PHE A 326 -6.15 19.02 8.26
C PHE A 326 -6.81 19.35 9.59
N ARG A 327 -7.75 20.30 9.58
CA ARG A 327 -8.50 20.63 10.78
C ARG A 327 -9.35 19.44 11.23
N GLU A 328 -9.94 18.71 10.28
CA GLU A 328 -10.73 17.53 10.64
C GLU A 328 -9.87 16.48 11.32
N ARG A 329 -8.66 16.25 10.81
CA ARG A 329 -7.77 15.30 11.47
C ARG A 329 -7.32 15.82 12.83
N LEU A 330 -7.10 17.13 12.96
CA LEU A 330 -6.70 17.69 14.25
C LEU A 330 -7.79 17.49 15.29
N ILE A 331 -9.05 17.75 14.93
CA ILE A 331 -10.14 17.54 15.88
C ILE A 331 -10.40 16.05 16.10
N HIS A 332 -10.12 15.22 15.10
CA HIS A 332 -10.22 13.78 15.28
C HIS A 332 -9.25 13.29 16.34
N ALA A 333 -8.02 13.81 16.32
CA ALA A 333 -7.09 13.55 17.41
C ALA A 333 -7.53 14.29 18.67
N LEU A 334 -7.24 13.70 19.82
CA LEU A 334 -7.63 14.28 21.09
C LEU A 334 -6.64 13.94 22.21
N LEU B 5 19.12 -11.15 16.60
CA LEU B 5 18.85 -10.10 15.63
C LEU B 5 18.44 -10.68 14.27
N SER B 6 19.43 -11.13 13.49
CA SER B 6 19.17 -11.58 12.14
C SER B 6 20.35 -12.42 11.66
N ALA B 7 20.07 -13.54 11.01
CA ALA B 7 21.10 -14.33 10.34
C ALA B 7 20.91 -14.37 8.82
N GLU B 8 19.77 -14.87 8.35
CA GLU B 8 19.33 -14.71 6.97
C GLU B 8 18.18 -13.72 6.86
N ASP B 9 17.76 -13.14 7.98
CA ASP B 9 16.68 -12.17 7.97
C ASP B 9 17.11 -10.86 7.31
N LYS B 10 18.41 -10.56 7.33
CA LYS B 10 18.89 -9.35 6.68
C LYS B 10 18.63 -9.40 5.18
N ALA B 11 18.85 -10.56 4.56
CA ALA B 11 18.60 -10.69 3.13
C ALA B 11 17.11 -10.60 2.83
N ALA B 12 16.26 -11.14 3.70
CA ALA B 12 14.83 -11.03 3.50
C ALA B 12 14.36 -9.58 3.63
N VAL B 13 14.92 -8.83 4.57
CA VAL B 13 14.57 -7.42 4.71
C VAL B 13 15.04 -6.63 3.49
N GLU B 14 16.21 -6.98 2.96
CA GLU B 14 16.69 -6.32 1.74
C GLU B 14 15.76 -6.61 0.56
N ARG B 15 15.28 -7.85 0.46
CA ARG B 15 14.31 -8.19 -0.57
C ARG B 15 13.03 -7.38 -0.41
N SER B 16 12.56 -7.24 0.83
CA SER B 16 11.36 -6.42 1.09
C SER B 16 11.57 -4.98 0.65
N LYS B 17 12.75 -4.43 0.90
CA LYS B 17 13.00 -3.04 0.52
C LYS B 17 13.07 -2.88 -1.00
N MET B 18 13.65 -3.86 -1.69
CA MET B 18 13.65 -3.80 -3.16
C MET B 18 12.22 -3.89 -3.70
N ILE B 19 11.39 -4.75 -3.11
CA ILE B 19 9.99 -4.84 -3.52
C ILE B 19 9.28 -3.52 -3.27
N ASP B 20 9.58 -2.86 -2.15
CA ASP B 20 8.98 -1.55 -1.87
C ASP B 20 9.38 -0.52 -2.91
N ARG B 21 10.66 -0.50 -3.30
CA ARG B 21 11.10 0.43 -4.33
C ARG B 21 10.37 0.18 -5.64
N ASN B 22 10.22 -1.09 -6.02
CA ASN B 22 9.51 -1.40 -7.26
C ASN B 22 8.04 -0.98 -7.19
N LEU B 23 7.40 -1.20 -6.03
CA LEU B 23 6.01 -0.78 -5.87
C LEU B 23 5.86 0.72 -5.99
N ARG B 24 6.77 1.49 -5.37
CA ARG B 24 6.70 2.94 -5.47
C ARG B 24 6.90 3.40 -6.90
N GLU B 25 7.84 2.79 -7.61
CA GLU B 25 8.07 3.17 -9.01
C GLU B 25 6.85 2.88 -9.87
N ASP B 26 6.24 1.72 -9.70
CA ASP B 26 5.06 1.38 -10.51
C ASP B 26 3.89 2.28 -10.17
N GLY B 27 3.72 2.62 -8.89
CA GLY B 27 2.65 3.54 -8.52
C GLY B 27 2.85 4.92 -9.13
N GLU B 28 4.08 5.44 -9.10
CA GLU B 28 4.36 6.74 -9.69
C GLU B 28 4.11 6.70 -11.19
N LYS B 29 4.49 5.61 -11.86
CA LYS B 29 4.23 5.50 -13.29
C LYS B 29 2.73 5.47 -13.58
N ALA B 30 1.96 4.74 -12.76
CA ALA B 30 0.53 4.59 -13.03
C ALA B 30 -0.25 5.87 -12.71
N ALA B 31 0.21 6.66 -11.74
CA ALA B 31 -0.56 7.82 -11.32
C ALA B 31 -0.58 8.95 -12.34
N ARG B 32 0.18 8.86 -13.43
CA ARG B 32 0.25 9.93 -14.41
C ARG B 32 -0.73 9.75 -15.57
N GLU B 33 -1.54 8.69 -15.55
CA GLU B 33 -2.59 8.50 -16.53
C GLU B 33 -3.85 9.24 -16.11
N VAL B 34 -4.59 9.74 -17.09
CA VAL B 34 -5.88 10.39 -16.84
C VAL B 34 -6.97 9.38 -17.16
N LYS B 35 -7.78 9.05 -16.17
CA LYS B 35 -8.78 7.99 -16.28
C LYS B 35 -10.16 8.58 -16.54
N LEU B 36 -10.83 8.07 -17.58
CA LEU B 36 -12.16 8.49 -17.97
C LEU B 36 -13.09 7.27 -17.97
N LEU B 37 -14.32 7.47 -17.53
CA LEU B 37 -15.31 6.40 -17.54
C LEU B 37 -16.38 6.71 -18.57
N LEU B 38 -16.60 5.81 -19.51
CA LEU B 38 -17.50 6.05 -20.63
C LEU B 38 -18.84 5.34 -20.39
N LEU B 39 -19.93 6.09 -20.46
CA LEU B 39 -21.26 5.58 -20.16
C LEU B 39 -22.24 6.00 -21.24
N GLY B 40 -23.31 5.24 -21.35
CA GLY B 40 -24.36 5.51 -22.32
C GLY B 40 -25.47 4.51 -22.15
N ALA B 41 -26.55 4.72 -22.91
CA ALA B 41 -27.75 3.90 -22.83
C ALA B 41 -27.89 3.10 -24.11
N GLY B 42 -27.24 1.93 -24.16
CA GLY B 42 -27.40 1.02 -25.26
C GLY B 42 -26.96 1.56 -26.61
N GLU B 43 -25.66 1.78 -26.78
CA GLU B 43 -25.07 2.22 -28.04
C GLU B 43 -25.68 3.53 -28.52
N SER B 44 -25.45 4.58 -27.74
CA SER B 44 -25.91 5.92 -28.06
C SER B 44 -24.89 6.73 -28.85
N GLY B 45 -23.80 6.10 -29.27
CA GLY B 45 -22.73 6.79 -29.98
C GLY B 45 -21.37 6.48 -29.40
N LYS B 46 -21.35 5.53 -28.46
CA LYS B 46 -20.08 5.12 -27.85
C LYS B 46 -19.12 4.58 -28.90
N SER B 47 -19.65 3.83 -29.89
CA SER B 47 -18.80 3.28 -30.93
C SER B 47 -18.11 4.39 -31.71
N THR B 48 -18.87 5.42 -32.09
CA THR B 48 -18.27 6.55 -32.80
C THR B 48 -17.25 7.28 -31.94
N ILE B 49 -17.57 7.50 -30.67
CA ILE B 49 -16.65 8.22 -29.79
C ILE B 49 -15.34 7.45 -29.64
N VAL B 50 -15.41 6.14 -29.46
CA VAL B 50 -14.18 5.34 -29.41
C VAL B 50 -13.47 5.36 -30.76
N LYS B 51 -14.22 5.40 -31.86
CA LYS B 51 -13.59 5.50 -33.17
C LYS B 51 -12.84 6.82 -33.34
N GLN B 52 -13.24 7.87 -32.64
CA GLN B 52 -12.52 9.13 -32.68
C GLN B 52 -11.19 9.09 -31.93
N MET B 53 -10.77 7.91 -31.45
CA MET B 53 -9.45 7.75 -30.85
C MET B 53 -8.37 7.91 -31.92
N LYS B 54 -7.28 8.59 -31.55
CA LYS B 54 -6.23 8.94 -32.51
C LYS B 54 -4.98 8.08 -32.34
N ILE B 55 -4.42 8.03 -31.12
CA ILE B 55 -3.14 7.40 -30.80
C ILE B 55 -2.11 7.57 -31.92
N VAL B 179 -10.99 -11.95 -28.54
CA VAL B 179 -10.72 -11.09 -27.40
C VAL B 179 -10.71 -11.91 -26.11
N LYS B 180 -9.72 -11.64 -25.25
CA LYS B 180 -9.61 -12.37 -24.00
C LYS B 180 -10.76 -12.04 -23.05
N THR B 181 -11.07 -10.75 -22.89
CA THR B 181 -12.00 -10.30 -21.87
C THR B 181 -13.34 -9.93 -22.47
N THR B 182 -14.39 -9.97 -21.64
CA THR B 182 -15.72 -9.55 -22.02
C THR B 182 -16.39 -8.71 -20.93
N GLY B 183 -15.62 -8.32 -19.91
CA GLY B 183 -16.17 -7.60 -18.78
C GLY B 183 -15.98 -6.10 -18.84
N ILE B 184 -14.78 -5.65 -19.18
CA ILE B 184 -14.48 -4.22 -19.23
C ILE B 184 -13.45 -3.98 -20.32
N VAL B 185 -13.68 -2.95 -21.13
CA VAL B 185 -12.83 -2.64 -22.27
C VAL B 185 -12.02 -1.39 -21.95
N GLU B 186 -10.75 -1.40 -22.31
CA GLU B 186 -9.81 -0.34 -21.98
C GLU B 186 -9.21 0.23 -23.27
N THR B 187 -9.30 1.54 -23.43
CA THR B 187 -8.77 2.22 -24.60
C THR B 187 -7.72 3.23 -24.14
N HIS B 188 -6.56 3.22 -24.80
CA HIS B 188 -5.46 4.09 -24.44
C HIS B 188 -5.15 5.01 -25.61
N PHE B 189 -4.99 6.31 -25.34
CA PHE B 189 -4.53 7.24 -26.36
C PHE B 189 -3.77 8.38 -25.71
N THR B 190 -3.31 9.31 -26.54
CA THR B 190 -2.41 10.37 -26.10
C THR B 190 -2.65 11.61 -26.94
N PHE B 191 -2.89 12.74 -26.28
CA PHE B 191 -3.14 14.00 -26.96
C PHE B 191 -2.33 15.10 -26.29
N LYS B 192 -1.50 15.78 -27.08
CA LYS B 192 -0.72 16.93 -26.63
C LYS B 192 0.03 16.63 -25.33
N ASP B 193 0.76 15.52 -25.34
CA ASP B 193 1.63 15.07 -24.25
C ASP B 193 0.86 14.56 -23.04
N LEU B 194 -0.45 14.40 -23.14
CA LEU B 194 -1.28 13.97 -22.02
C LEU B 194 -1.87 12.59 -22.33
N HIS B 195 -1.78 11.68 -21.36
CA HIS B 195 -2.12 10.27 -21.56
C HIS B 195 -3.51 9.97 -21.03
N PHE B 196 -4.35 9.36 -21.86
CA PHE B 196 -5.73 9.08 -21.52
C PHE B 196 -5.98 7.58 -21.53
N LYS B 197 -6.64 7.09 -20.49
CA LYS B 197 -7.17 5.73 -20.41
C LYS B 197 -8.67 5.84 -20.21
N MET B 198 -9.44 5.20 -21.08
CA MET B 198 -10.89 5.28 -21.06
C MET B 198 -11.47 3.88 -20.88
N PHE B 199 -12.36 3.73 -19.92
CA PHE B 199 -12.93 2.44 -19.54
C PHE B 199 -14.39 2.38 -19.95
N ASP B 200 -14.76 1.35 -20.70
CA ASP B 200 -16.13 1.09 -21.12
C ASP B 200 -16.63 -0.18 -20.45
N VAL B 201 -17.76 -0.08 -19.78
CA VAL B 201 -18.31 -1.19 -19.01
C VAL B 201 -19.67 -1.59 -19.56
N GLY B 202 -19.87 -1.37 -20.85
CA GLY B 202 -21.14 -1.74 -21.46
C GLY B 202 -21.44 -3.22 -21.38
N GLY B 203 -20.42 -4.05 -21.61
CA GLY B 203 -20.61 -5.50 -21.60
C GLY B 203 -20.56 -6.13 -20.23
N GLN B 204 -20.97 -5.39 -19.21
CA GLN B 204 -21.04 -5.90 -17.85
C GLN B 204 -22.42 -6.41 -17.49
N ARG B 205 -23.45 -5.58 -17.72
CA ARG B 205 -24.87 -5.96 -17.61
C ARG B 205 -25.20 -6.66 -16.28
N SER B 206 -24.42 -6.38 -15.25
CA SER B 206 -24.72 -6.82 -13.90
C SER B 206 -25.41 -5.70 -13.14
N GLU B 207 -25.65 -5.92 -11.85
CA GLU B 207 -26.22 -4.87 -11.00
C GLU B 207 -25.17 -3.78 -10.81
N ARG B 208 -25.43 -2.61 -11.39
CA ARG B 208 -24.43 -1.55 -11.43
C ARG B 208 -24.04 -1.04 -10.05
N LYS B 209 -24.89 -1.18 -9.05
CA LYS B 209 -24.58 -0.67 -7.73
C LYS B 209 -23.70 -1.60 -6.92
N LYS B 210 -23.35 -2.77 -7.47
CA LYS B 210 -22.39 -3.66 -6.86
C LYS B 210 -20.95 -3.40 -7.28
N TRP B 211 -20.74 -2.67 -8.38
CA TRP B 211 -19.40 -2.43 -8.87
C TRP B 211 -19.14 -0.99 -9.29
N ILE B 212 -20.13 -0.08 -9.18
CA ILE B 212 -19.93 1.29 -9.61
C ILE B 212 -18.96 2.03 -8.69
N HIS B 213 -18.77 1.57 -7.46
CA HIS B 213 -17.88 2.26 -6.54
C HIS B 213 -16.40 1.96 -6.80
N CYS B 214 -16.11 1.06 -7.74
CA CYS B 214 -14.73 0.84 -8.17
C CYS B 214 -14.17 2.01 -8.96
N PHE B 215 -15.02 2.91 -9.44
CA PHE B 215 -14.60 4.07 -10.21
C PHE B 215 -14.80 5.37 -9.43
N GLU B 216 -14.61 5.32 -8.12
CA GLU B 216 -14.88 6.48 -7.28
C GLU B 216 -13.95 7.64 -7.60
N GLY B 217 -12.71 7.35 -7.97
CA GLY B 217 -11.75 8.42 -8.20
C GLY B 217 -11.31 8.59 -9.63
N VAL B 218 -12.23 8.44 -10.59
CA VAL B 218 -11.92 8.73 -11.97
C VAL B 218 -11.91 10.23 -12.18
N THR B 219 -11.16 10.67 -13.19
CA THR B 219 -11.06 12.11 -13.44
C THR B 219 -12.36 12.66 -14.00
N ALA B 220 -12.98 11.96 -14.96
CA ALA B 220 -14.20 12.47 -15.56
C ALA B 220 -15.03 11.31 -16.13
N ILE B 221 -16.29 11.62 -16.39
CA ILE B 221 -17.25 10.68 -16.93
C ILE B 221 -17.73 11.21 -18.27
N ILE B 222 -17.42 10.48 -19.34
CA ILE B 222 -17.98 10.76 -20.65
C ILE B 222 -19.35 10.11 -20.73
N PHE B 223 -20.36 10.88 -21.14
CA PHE B 223 -21.73 10.37 -21.24
C PHE B 223 -22.25 10.62 -22.65
N CYS B 224 -22.57 9.55 -23.36
CA CYS B 224 -23.00 9.64 -24.75
C CYS B 224 -24.52 9.56 -24.84
N VAL B 225 -25.12 10.51 -25.56
CA VAL B 225 -26.56 10.56 -25.74
C VAL B 225 -26.84 10.76 -27.23
N ALA B 226 -27.67 9.90 -27.80
CA ALA B 226 -28.05 9.99 -29.21
C ALA B 226 -29.24 10.92 -29.37
N LEU B 227 -29.09 11.94 -30.22
CA LEU B 227 -30.15 12.90 -30.46
C LEU B 227 -31.26 12.35 -31.36
N SER B 228 -30.96 11.34 -32.17
CA SER B 228 -31.90 10.88 -33.20
C SER B 228 -33.19 10.31 -32.61
N ASP B 229 -33.20 9.96 -31.34
CA ASP B 229 -34.43 9.42 -30.73
C ASP B 229 -34.96 10.32 -29.62
N GLU B 239 -36.80 4.78 -31.32
CA GLU B 239 -37.26 6.13 -31.00
C GLU B 239 -38.37 6.07 -29.96
N MET B 240 -38.66 4.86 -29.48
CA MET B 240 -39.69 4.65 -28.46
C MET B 240 -39.11 5.00 -27.09
N ASN B 241 -39.50 6.18 -26.59
CA ASN B 241 -39.13 6.73 -25.28
C ASN B 241 -37.71 6.34 -24.86
N ARG B 242 -36.76 6.45 -25.78
CA ARG B 242 -35.37 6.14 -25.49
C ARG B 242 -34.62 7.36 -24.94
N MET B 243 -35.01 8.56 -25.37
CA MET B 243 -34.49 9.77 -24.76
C MET B 243 -34.85 9.81 -23.27
N HIS B 244 -36.04 9.32 -22.92
CA HIS B 244 -36.43 9.25 -21.52
C HIS B 244 -35.52 8.32 -20.73
N GLU B 245 -35.17 7.18 -21.33
CA GLU B 245 -34.26 6.26 -20.65
C GLU B 245 -32.87 6.86 -20.49
N SER B 246 -32.40 7.59 -21.52
CA SER B 246 -31.12 8.27 -21.40
C SER B 246 -31.15 9.30 -20.29
N MET B 247 -32.25 10.06 -20.18
CA MET B 247 -32.36 11.04 -19.11
C MET B 247 -32.39 10.36 -17.75
N LYS B 248 -33.07 9.22 -17.63
CA LYS B 248 -33.13 8.51 -16.36
C LYS B 248 -31.73 8.01 -15.96
N LEU B 249 -30.99 7.45 -16.91
CA LEU B 249 -29.64 7.00 -16.62
C LEU B 249 -28.73 8.16 -16.22
N PHE B 250 -28.86 9.29 -16.92
CA PHE B 250 -28.07 10.47 -16.56
C PHE B 250 -28.42 10.95 -15.16
N ASP B 251 -29.71 10.92 -14.81
CA ASP B 251 -30.12 11.31 -13.47
C ASP B 251 -29.50 10.39 -12.43
N SER B 252 -29.49 9.08 -12.69
CA SER B 252 -28.91 8.14 -11.74
C SER B 252 -27.41 8.38 -11.59
N ILE B 253 -26.70 8.63 -12.69
CA ILE B 253 -25.24 8.78 -12.62
C ILE B 253 -24.87 10.10 -11.98
N CYS B 254 -25.48 11.19 -12.41
CA CYS B 254 -25.06 12.52 -11.97
C CYS B 254 -25.30 12.75 -10.49
N ASN B 255 -26.31 12.09 -9.91
CA ASN B 255 -26.66 12.26 -8.51
C ASN B 255 -26.11 11.15 -7.63
N ASN B 256 -25.26 10.28 -8.18
CA ASN B 256 -24.71 9.17 -7.42
C ASN B 256 -23.86 9.67 -6.26
N LYS B 257 -23.89 8.93 -5.15
CA LYS B 257 -23.15 9.33 -3.97
C LYS B 257 -21.66 9.11 -4.11
N TRP B 258 -21.23 8.29 -5.07
CA TRP B 258 -19.81 8.08 -5.32
C TRP B 258 -19.22 9.08 -6.32
N PHE B 259 -20.05 9.91 -6.94
CA PHE B 259 -19.62 10.77 -8.03
C PHE B 259 -19.88 12.24 -7.76
N THR B 260 -19.87 12.64 -6.49
CA THR B 260 -19.89 14.05 -6.17
C THR B 260 -18.49 14.64 -6.35
N ASP B 261 -18.42 15.83 -6.94
CA ASP B 261 -17.24 16.54 -7.38
C ASP B 261 -16.67 15.97 -8.68
N THR B 262 -17.32 14.98 -9.28
CA THR B 262 -16.87 14.42 -10.55
C THR B 262 -17.59 15.11 -11.70
N SER B 263 -16.84 15.60 -12.67
CA SER B 263 -17.39 16.36 -13.79
C SER B 263 -17.85 15.43 -14.89
N ILE B 264 -18.91 15.85 -15.59
CA ILE B 264 -19.50 15.09 -16.68
C ILE B 264 -19.19 15.81 -17.99
N ILE B 265 -18.70 15.06 -18.97
CA ILE B 265 -18.57 15.54 -20.35
C ILE B 265 -19.69 14.89 -21.15
N LEU B 266 -20.66 15.69 -21.57
CA LEU B 266 -21.87 15.19 -22.20
C LEU B 266 -21.76 15.36 -23.71
N PHE B 267 -21.66 14.25 -24.43
CA PHE B 267 -21.60 14.24 -25.87
C PHE B 267 -23.00 13.97 -26.44
N LEU B 268 -23.44 14.83 -27.35
CA LEU B 268 -24.69 14.65 -28.07
C LEU B 268 -24.36 14.26 -29.51
N ASN B 269 -24.94 13.14 -29.95
CA ASN B 269 -24.53 12.52 -31.21
C ASN B 269 -25.66 12.52 -32.21
N LYS B 270 -25.29 12.31 -33.49
CA LYS B 270 -26.24 12.15 -34.59
C LYS B 270 -27.09 13.40 -34.80
N LYS B 271 -26.41 14.53 -35.04
CA LYS B 271 -27.14 15.78 -35.24
C LYS B 271 -27.81 15.84 -36.61
N ASP B 272 -27.31 15.08 -37.59
CA ASP B 272 -27.86 15.16 -38.94
C ASP B 272 -29.17 14.38 -39.04
N LEU B 273 -29.21 13.17 -38.49
CA LEU B 273 -30.46 12.44 -38.38
C LEU B 273 -31.48 13.25 -37.60
N PHE B 274 -31.02 13.97 -36.58
CA PHE B 274 -31.91 14.86 -35.84
C PHE B 274 -32.42 15.99 -36.74
N GLU B 275 -31.55 16.54 -37.59
CA GLU B 275 -31.99 17.53 -38.57
C GLU B 275 -33.16 17.00 -39.39
N GLU B 276 -32.97 15.82 -39.98
CA GLU B 276 -33.98 15.28 -40.88
C GLU B 276 -35.27 14.96 -40.14
N LYS B 277 -35.16 14.30 -38.98
CA LYS B 277 -36.35 13.94 -38.22
C LYS B 277 -37.11 15.18 -37.76
N ILE B 278 -36.41 16.20 -37.27
CA ILE B 278 -37.09 17.42 -36.83
C ILE B 278 -37.71 18.13 -38.02
N LYS B 279 -37.13 17.98 -39.23
CA LYS B 279 -37.81 18.45 -40.42
C LYS B 279 -39.14 17.73 -40.62
N LYS B 280 -39.14 16.41 -40.49
CA LYS B 280 -40.32 15.61 -40.78
C LYS B 280 -40.95 14.96 -39.55
N SER B 281 -40.78 15.55 -38.38
CA SER B 281 -41.46 15.08 -37.17
C SER B 281 -41.44 16.18 -36.12
N PRO B 282 -42.51 16.32 -35.35
CA PRO B 282 -42.53 17.32 -34.28
C PRO B 282 -41.88 16.79 -33.01
N LEU B 283 -41.23 17.70 -32.27
CA LEU B 283 -40.60 17.34 -31.01
C LEU B 283 -41.61 17.02 -29.92
N THR B 284 -42.89 17.32 -30.13
CA THR B 284 -43.90 17.07 -29.11
C THR B 284 -44.07 15.58 -28.80
N ILE B 285 -43.55 14.69 -29.64
CA ILE B 285 -43.69 13.26 -29.39
C ILE B 285 -42.98 12.88 -28.09
N CYS B 286 -41.75 13.37 -27.91
CA CYS B 286 -41.01 13.10 -26.68
C CYS B 286 -41.39 14.06 -25.57
N TYR B 287 -41.22 15.36 -25.81
CA TYR B 287 -41.53 16.38 -24.81
C TYR B 287 -42.84 17.05 -25.19
N PRO B 288 -43.95 16.78 -24.48
CA PRO B 288 -45.23 17.41 -24.83
C PRO B 288 -45.33 18.87 -24.41
N GLU B 289 -44.52 19.33 -23.46
CA GLU B 289 -44.57 20.71 -22.98
C GLU B 289 -43.70 21.65 -23.80
N TYR B 290 -43.17 21.20 -24.93
CA TYR B 290 -42.38 22.07 -25.79
C TYR B 290 -43.25 23.18 -26.37
N ALA B 291 -42.71 24.40 -26.42
CA ALA B 291 -43.46 25.55 -26.89
C ALA B 291 -42.74 26.28 -28.01
N GLY B 292 -41.41 26.24 -27.99
CA GLY B 292 -40.61 26.98 -28.96
C GLY B 292 -40.81 26.54 -30.40
N SER B 293 -40.12 27.20 -31.32
CA SER B 293 -40.27 26.90 -32.73
C SER B 293 -39.78 25.50 -33.04
N ASN B 294 -40.25 24.96 -34.17
CA ASN B 294 -39.95 23.60 -34.58
C ASN B 294 -38.73 23.52 -35.50
N THR B 295 -37.77 24.42 -35.34
CA THR B 295 -36.52 24.35 -36.09
C THR B 295 -35.49 23.57 -35.28
N TYR B 296 -34.28 23.46 -35.83
CA TYR B 296 -33.25 22.63 -35.20
C TYR B 296 -32.65 23.30 -33.97
N GLU B 297 -32.34 24.59 -34.06
CA GLU B 297 -31.53 25.23 -33.03
C GLU B 297 -32.26 25.27 -31.69
N GLU B 298 -33.53 25.68 -31.70
CA GLU B 298 -34.28 25.74 -30.45
C GLU B 298 -34.49 24.35 -29.86
N ALA B 299 -34.74 23.36 -30.72
CA ALA B 299 -34.90 21.99 -30.23
C ALA B 299 -33.63 21.47 -29.57
N ALA B 300 -32.48 21.71 -30.20
CA ALA B 300 -31.21 21.26 -29.63
C ALA B 300 -30.91 21.97 -28.32
N ALA B 301 -31.13 23.29 -28.27
CA ALA B 301 -30.91 24.03 -27.04
C ALA B 301 -31.83 23.55 -25.93
N TYR B 302 -33.09 23.26 -26.27
CA TYR B 302 -34.04 22.78 -25.27
C TYR B 302 -33.64 21.41 -24.74
N ILE B 303 -33.17 20.52 -25.61
CA ILE B 303 -32.72 19.20 -25.15
C ILE B 303 -31.52 19.36 -24.22
N GLN B 304 -30.56 20.19 -24.62
CA GLN B 304 -29.37 20.40 -23.79
C GLN B 304 -29.75 20.96 -22.42
N CYS B 305 -30.67 21.93 -22.38
CA CYS B 305 -31.11 22.47 -21.10
C CYS B 305 -31.86 21.43 -20.28
N GLN B 306 -32.63 20.56 -20.95
CA GLN B 306 -33.38 19.53 -20.24
C GLN B 306 -32.42 18.55 -19.54
N PHE B 307 -31.33 18.19 -20.22
CA PHE B 307 -30.31 17.38 -19.53
C PHE B 307 -29.62 18.17 -18.43
N GLU B 308 -29.16 19.39 -18.73
CA GLU B 308 -28.36 20.14 -17.76
C GLU B 308 -29.15 20.52 -16.52
N ASP B 309 -30.48 20.53 -16.59
CA ASP B 309 -31.29 20.85 -15.42
C ASP B 309 -31.51 19.64 -14.50
N LEU B 310 -30.85 18.52 -14.78
CA LEU B 310 -30.91 17.34 -13.91
C LEU B 310 -29.78 17.31 -12.90
N ASN B 311 -28.96 18.37 -12.85
CA ASN B 311 -27.77 18.40 -12.00
C ASN B 311 -28.18 19.01 -10.67
N LYS B 312 -28.46 18.15 -9.68
CA LYS B 312 -28.82 18.64 -8.36
C LYS B 312 -27.65 19.32 -7.66
N ARG B 313 -26.43 18.84 -7.89
CA ARG B 313 -25.25 19.35 -7.20
C ARG B 313 -24.57 20.44 -8.05
N LYS B 314 -25.32 21.51 -8.33
CA LYS B 314 -24.82 22.55 -9.23
C LYS B 314 -23.65 23.31 -8.64
N ASP B 315 -23.43 23.26 -7.33
CA ASP B 315 -22.36 24.00 -6.69
C ASP B 315 -21.09 23.19 -6.48
N THR B 316 -21.05 21.94 -6.93
CA THR B 316 -19.86 21.11 -6.81
C THR B 316 -19.30 20.69 -8.16
N LYS B 317 -20.13 20.08 -9.01
CA LYS B 317 -19.66 19.50 -10.27
C LYS B 317 -20.13 20.34 -11.45
N GLU B 318 -19.33 20.33 -12.50
CA GLU B 318 -19.61 21.07 -13.73
C GLU B 318 -19.89 20.09 -14.86
N ILE B 319 -20.74 20.50 -15.80
CA ILE B 319 -21.09 19.71 -16.96
C ILE B 319 -20.60 20.45 -18.21
N TYR B 320 -19.85 19.76 -19.05
CA TYR B 320 -19.33 20.32 -20.29
C TYR B 320 -20.02 19.63 -21.45
N THR B 321 -20.84 20.36 -22.19
CA THR B 321 -21.66 19.79 -23.26
C THR B 321 -21.02 20.03 -24.61
N HIS B 322 -21.15 19.06 -25.52
CA HIS B 322 -20.63 19.20 -26.87
C HIS B 322 -21.47 18.38 -27.84
N PHE B 323 -21.81 18.98 -28.97
CA PHE B 323 -22.44 18.27 -30.07
C PHE B 323 -21.36 17.68 -30.97
N THR B 324 -21.40 16.37 -31.15
CA THR B 324 -20.33 15.69 -31.89
C THR B 324 -20.24 16.20 -33.32
N CYS B 325 -19.02 16.50 -33.75
CA CYS B 325 -18.75 16.98 -35.09
C CYS B 325 -17.99 15.92 -35.88
N ALA B 326 -17.82 16.19 -37.17
CA ALA B 326 -17.13 15.27 -38.07
C ALA B 326 -15.64 15.59 -38.21
N THR B 327 -15.15 16.62 -37.55
CA THR B 327 -13.73 16.94 -37.56
C THR B 327 -13.03 16.18 -36.44
N ASP B 328 -11.94 15.50 -36.79
CA ASP B 328 -11.28 14.59 -35.86
C ASP B 328 -10.76 15.33 -34.63
N THR B 329 -10.10 16.47 -34.85
CA THR B 329 -9.37 17.12 -33.77
C THR B 329 -10.28 17.79 -32.75
N LYS B 330 -11.50 18.18 -33.12
CA LYS B 330 -12.28 19.07 -32.27
C LYS B 330 -12.84 18.34 -31.05
N ASN B 331 -13.28 17.10 -31.21
CA ASN B 331 -13.79 16.34 -30.07
C ASN B 331 -12.68 16.11 -29.05
N VAL B 332 -11.50 15.70 -29.51
CA VAL B 332 -10.39 15.46 -28.61
C VAL B 332 -9.94 16.76 -27.96
N GLN B 333 -10.00 17.87 -28.71
CA GLN B 333 -9.66 19.16 -28.12
C GLN B 333 -10.62 19.55 -27.01
N PHE B 334 -11.92 19.31 -27.22
CA PHE B 334 -12.91 19.61 -26.19
C PHE B 334 -12.66 18.78 -24.94
N VAL B 335 -12.39 17.48 -25.13
CA VAL B 335 -12.10 16.61 -23.98
C VAL B 335 -10.84 17.08 -23.26
N PHE B 336 -9.80 17.44 -24.03
CA PHE B 336 -8.56 17.89 -23.43
C PHE B 336 -8.75 19.16 -22.61
N ASP B 337 -9.52 20.11 -23.14
CA ASP B 337 -9.76 21.34 -22.40
C ASP B 337 -10.53 21.08 -21.11
N ALA B 338 -11.56 20.23 -21.16
CA ALA B 338 -12.32 19.90 -19.96
C ALA B 338 -11.43 19.21 -18.93
N VAL B 339 -10.57 18.30 -19.39
CA VAL B 339 -9.70 17.57 -18.47
C VAL B 339 -8.69 18.52 -17.82
N THR B 340 -8.16 19.47 -18.59
CA THR B 340 -7.24 20.45 -18.01
C THR B 340 -7.95 21.29 -16.95
N ASP B 341 -9.20 21.69 -17.21
CA ASP B 341 -9.95 22.43 -16.20
C ASP B 341 -10.11 21.62 -14.92
N VAL B 342 -10.46 20.33 -15.06
CA VAL B 342 -10.65 19.50 -13.87
C VAL B 342 -9.33 19.30 -13.13
N ILE B 343 -8.23 19.16 -13.87
CA ILE B 343 -6.92 19.02 -13.24
C ILE B 343 -6.57 20.27 -12.43
N ILE B 344 -6.82 21.45 -13.01
CA ILE B 344 -6.55 22.69 -12.30
C ILE B 344 -7.38 22.77 -11.02
N LYS B 345 -8.67 22.42 -11.11
CA LYS B 345 -9.52 22.47 -9.92
C LYS B 345 -9.03 21.49 -8.85
N ASN B 346 -8.62 20.29 -9.25
CA ASN B 346 -8.12 19.32 -8.27
C ASN B 346 -6.82 19.80 -7.62
N ASN B 347 -5.94 20.42 -8.41
CA ASN B 347 -4.71 20.98 -7.84
C ASN B 347 -5.02 22.08 -6.84
N LEU B 348 -5.96 22.96 -7.17
CA LEU B 348 -6.34 24.02 -6.24
C LEU B 348 -6.92 23.45 -4.96
N LYS B 349 -7.77 22.42 -5.07
CA LYS B 349 -8.30 21.78 -3.86
C LYS B 349 -7.19 21.15 -3.03
N ASP B 350 -6.26 20.45 -3.69
CA ASP B 350 -5.21 19.76 -2.95
C ASP B 350 -4.30 20.75 -2.22
N CYS B 351 -3.98 21.88 -2.86
CA CYS B 351 -3.15 22.88 -2.21
C CYS B 351 -3.85 23.56 -1.04
N GLY B 352 -5.15 23.35 -0.87
CA GLY B 352 -5.89 23.96 0.21
C GLY B 352 -6.51 25.30 -0.11
N LEU B 353 -6.51 25.70 -1.38
CA LEU B 353 -7.01 27.01 -1.79
C LEU B 353 -8.46 26.97 -2.25
N PHE B 354 -9.10 25.81 -2.21
CA PHE B 354 -10.46 25.68 -2.73
C PHE B 354 -11.40 25.08 -1.69
N ASP C 22 -53.04 -21.33 -14.89
CA ASP C 22 -52.42 -22.61 -14.55
C ASP C 22 -52.26 -22.72 -13.04
N GLN C 23 -51.93 -23.92 -12.55
CA GLN C 23 -51.88 -24.18 -11.12
C GLN C 23 -50.45 -24.34 -10.59
N LEU C 24 -49.43 -24.14 -11.42
CA LEU C 24 -48.05 -24.31 -10.96
C LEU C 24 -47.69 -23.27 -9.91
N ARG C 25 -48.07 -22.00 -10.12
CA ARG C 25 -47.76 -20.97 -9.14
C ARG C 25 -48.43 -21.24 -7.81
N GLN C 26 -49.71 -21.63 -7.84
CA GLN C 26 -50.40 -21.94 -6.59
C GLN C 26 -49.83 -23.19 -5.93
N GLU C 27 -49.38 -24.16 -6.72
CA GLU C 27 -48.69 -25.32 -6.15
C GLU C 27 -47.43 -24.90 -5.42
N ALA C 28 -46.64 -24.00 -6.03
CA ALA C 28 -45.45 -23.48 -5.37
C ALA C 28 -45.82 -22.73 -4.10
N GLU C 29 -46.89 -21.95 -4.14
CA GLU C 29 -47.31 -21.20 -2.96
C GLU C 29 -47.71 -22.12 -1.82
N GLN C 30 -48.49 -23.17 -2.11
CA GLN C 30 -48.88 -24.09 -1.05
C GLN C 30 -47.70 -24.91 -0.55
N LEU C 31 -46.73 -25.21 -1.43
CA LEU C 31 -45.51 -25.86 -0.98
C LEU C 31 -44.75 -24.96 -0.01
N LYS C 32 -44.66 -23.66 -0.32
CA LYS C 32 -44.00 -22.73 0.59
C LYS C 32 -44.73 -22.65 1.93
N ASN C 33 -46.07 -22.62 1.89
CA ASN C 33 -46.83 -22.59 3.14
C ASN C 33 -46.61 -23.85 3.95
N GLN C 34 -46.59 -25.01 3.30
CA GLN C 34 -46.31 -26.27 3.99
C GLN C 34 -44.93 -26.26 4.62
N ILE C 35 -43.93 -25.78 3.87
CA ILE C 35 -42.56 -25.77 4.39
C ILE C 35 -42.46 -24.85 5.60
N ARG C 36 -43.05 -23.66 5.52
CA ARG C 36 -42.95 -22.74 6.65
C ARG C 36 -43.75 -23.23 7.85
N ASP C 37 -44.87 -23.91 7.61
CA ASP C 37 -45.61 -24.52 8.72
C ASP C 37 -44.81 -25.62 9.39
N ALA C 38 -44.11 -26.43 8.59
CA ALA C 38 -43.25 -27.47 9.16
C ALA C 38 -42.11 -26.84 9.96
N ARG C 39 -41.53 -25.75 9.45
CA ARG C 39 -40.47 -25.08 10.19
C ARG C 39 -40.98 -24.50 11.50
N LYS C 40 -42.20 -23.96 11.49
CA LYS C 40 -42.80 -23.47 12.73
C LYS C 40 -43.06 -24.60 13.71
N ALA C 41 -43.50 -25.76 13.20
CA ALA C 41 -43.74 -26.90 14.07
C ALA C 41 -42.45 -27.41 14.70
N CYS C 42 -41.37 -27.44 13.94
CA CYS C 42 -40.10 -27.95 14.43
C CYS C 42 -39.36 -26.98 15.32
N ALA C 43 -40.00 -25.90 15.77
CA ALA C 43 -39.40 -24.92 16.66
C ALA C 43 -40.00 -25.07 18.04
N ASP C 44 -39.15 -25.15 19.07
CA ASP C 44 -39.60 -25.25 20.45
C ASP C 44 -39.26 -24.02 21.26
N ALA C 45 -37.98 -23.64 21.29
CA ALA C 45 -37.52 -22.49 22.05
C ALA C 45 -36.58 -21.67 21.17
N THR C 46 -35.98 -20.65 21.76
CA THR C 46 -35.01 -19.81 21.08
C THR C 46 -33.64 -19.99 21.72
N LEU C 47 -32.61 -19.68 20.94
CA LEU C 47 -31.24 -19.77 21.45
C LEU C 47 -31.02 -18.85 22.64
N SER C 48 -31.70 -17.70 22.66
CA SER C 48 -31.59 -16.78 23.80
C SER C 48 -32.14 -17.41 25.07
N GLN C 49 -33.29 -18.07 24.97
CA GLN C 49 -33.89 -18.68 26.16
C GLN C 49 -33.00 -19.75 26.76
N ILE C 50 -32.34 -20.54 25.89
CA ILE C 50 -31.43 -21.57 26.39
C ILE C 50 -30.17 -20.94 26.96
N THR C 51 -29.65 -19.90 26.32
CA THR C 51 -28.35 -19.36 26.67
C THR C 51 -28.39 -18.32 27.80
N ASN C 52 -29.58 -17.90 28.23
CA ASN C 52 -29.62 -16.79 29.19
C ASN C 52 -29.03 -17.14 30.57
N ASN C 53 -28.46 -18.32 30.81
CA ASN C 53 -27.90 -18.64 32.12
C ASN C 53 -26.39 -18.81 32.13
N ILE C 54 -25.74 -18.77 30.97
CA ILE C 54 -24.29 -18.97 30.94
C ILE C 54 -23.57 -17.67 31.20
N ASP C 55 -22.29 -17.78 31.52
CA ASP C 55 -21.47 -16.62 31.87
C ASP C 55 -21.28 -15.73 30.65
N PRO C 56 -21.65 -14.45 30.70
CA PRO C 56 -21.31 -13.55 29.59
C PRO C 56 -19.81 -13.31 29.54
N VAL C 57 -19.24 -13.45 28.34
CA VAL C 57 -17.80 -13.32 28.19
C VAL C 57 -17.37 -11.89 28.55
N GLY C 58 -16.15 -11.77 29.03
CA GLY C 58 -15.64 -10.48 29.43
C GLY C 58 -15.47 -9.54 28.25
N ARG C 59 -15.46 -8.25 28.56
CA ARG C 59 -15.32 -7.25 27.51
C ARG C 59 -13.95 -7.38 26.86
N ILE C 60 -13.92 -7.34 25.53
CA ILE C 60 -12.74 -7.70 24.76
C ILE C 60 -12.00 -6.43 24.38
N GLN C 61 -10.67 -6.46 24.54
CA GLN C 61 -9.83 -5.31 24.20
C GLN C 61 -8.63 -5.83 23.41
N MET C 62 -8.64 -5.60 22.10
CA MET C 62 -7.55 -6.01 21.23
C MET C 62 -6.74 -4.80 20.81
N ARG C 63 -5.50 -5.05 20.41
CA ARG C 63 -4.55 -4.01 20.07
C ARG C 63 -3.96 -4.25 18.69
N THR C 64 -3.52 -3.17 18.06
CA THR C 64 -2.87 -3.25 16.75
C THR C 64 -1.43 -3.70 16.96
N ARG C 65 -1.14 -4.96 16.63
CA ARG C 65 0.22 -5.48 16.77
C ARG C 65 1.07 -5.12 15.56
N ARG C 66 0.52 -5.28 14.36
CA ARG C 66 1.25 -4.97 13.13
C ARG C 66 0.38 -4.12 12.23
N THR C 67 1.04 -3.28 11.44
CA THR C 67 0.40 -2.54 10.36
C THR C 67 1.15 -2.83 9.08
N LEU C 68 0.49 -3.48 8.14
CA LEU C 68 1.08 -3.82 6.85
C LEU C 68 0.73 -2.73 5.85
N ARG C 69 1.75 -2.08 5.31
CA ARG C 69 1.57 -0.96 4.40
C ARG C 69 2.42 -1.16 3.16
N GLY C 70 1.97 -0.59 2.05
CA GLY C 70 2.62 -0.79 0.77
C GLY C 70 1.66 -0.85 -0.40
N HIS C 71 0.38 -1.02 -0.12
CA HIS C 71 -0.63 -0.85 -1.16
C HIS C 71 -0.92 0.64 -1.35
N LEU C 72 -1.22 1.01 -2.60
CA LEU C 72 -1.43 2.41 -2.94
C LEU C 72 -2.87 2.75 -3.29
N ALA C 73 -3.77 1.77 -3.28
CA ALA C 73 -5.18 2.01 -3.54
C ALA C 73 -6.00 1.19 -2.56
N LYS C 74 -7.31 1.20 -2.74
CA LYS C 74 -8.20 0.49 -1.83
C LYS C 74 -7.93 -1.00 -1.86
N ILE C 75 -7.84 -1.60 -0.68
CA ILE C 75 -7.72 -3.05 -0.55
C ILE C 75 -9.10 -3.66 -0.65
N TYR C 76 -9.23 -4.73 -1.44
CA TYR C 76 -10.54 -5.34 -1.62
C TYR C 76 -10.69 -6.72 -1.01
N ALA C 77 -9.60 -7.48 -0.85
CA ALA C 77 -9.72 -8.81 -0.28
C ALA C 77 -8.40 -9.21 0.35
N MET C 78 -8.49 -10.12 1.32
CA MET C 78 -7.32 -10.75 1.92
C MET C 78 -7.68 -12.20 2.25
N HIS C 79 -6.66 -13.03 2.38
CA HIS C 79 -6.88 -14.41 2.78
C HIS C 79 -5.64 -14.92 3.51
N TRP C 80 -5.85 -15.65 4.60
CA TRP C 80 -4.76 -16.20 5.39
C TRP C 80 -4.25 -17.50 4.77
N GLY C 81 -2.94 -17.71 4.90
CA GLY C 81 -2.38 -19.01 4.65
C GLY C 81 -2.74 -20.00 5.74
N THR C 82 -2.56 -21.28 5.45
CA THR C 82 -2.97 -22.30 6.39
C THR C 82 -1.94 -22.50 7.51
N ASP C 83 -0.75 -21.94 7.39
CA ASP C 83 0.24 -21.98 8.46
C ASP C 83 0.09 -20.84 9.45
N SER C 84 -0.89 -19.97 9.23
CA SER C 84 -1.20 -18.85 10.13
C SER C 84 -0.07 -17.84 10.21
N ARG C 85 0.76 -17.77 9.18
CA ARG C 85 1.80 -16.76 9.16
C ARG C 85 1.83 -15.95 7.88
N LEU C 86 1.59 -16.57 6.74
CA LEU C 86 1.60 -15.89 5.45
C LEU C 86 0.17 -15.52 5.05
N LEU C 87 0.02 -14.34 4.45
CA LEU C 87 -1.29 -13.93 3.95
C LEU C 87 -1.18 -13.18 2.65
N VAL C 88 -2.19 -13.31 1.80
CA VAL C 88 -2.23 -12.63 0.51
C VAL C 88 -3.28 -11.53 0.57
N SER C 89 -2.98 -10.40 -0.05
CA SER C 89 -3.93 -9.30 -0.15
C SER C 89 -3.96 -8.78 -1.58
N ALA C 90 -5.12 -8.24 -1.97
CA ALA C 90 -5.39 -7.79 -3.32
C ALA C 90 -5.84 -6.34 -3.31
N SER C 91 -5.20 -5.52 -4.14
CA SER C 91 -5.56 -4.12 -4.23
C SER C 91 -5.66 -3.69 -5.69
N GLN C 92 -6.59 -2.76 -5.94
CA GLN C 92 -6.95 -2.18 -7.23
C GLN C 92 -5.92 -1.24 -7.74
N ASP C 93 -4.78 -1.07 -7.08
CA ASP C 93 -3.60 -0.54 -7.75
C ASP C 93 -2.96 -1.58 -8.66
N GLY C 94 -3.64 -2.71 -8.86
CA GLY C 94 -3.16 -3.75 -9.75
C GLY C 94 -2.20 -4.73 -9.11
N LYS C 95 -2.26 -4.92 -7.80
CA LYS C 95 -1.22 -5.66 -7.12
C LYS C 95 -1.78 -6.75 -6.22
N LEU C 96 -1.03 -7.85 -6.13
CA LEU C 96 -1.32 -8.97 -5.23
C LEU C 96 -0.06 -9.20 -4.40
N ILE C 97 -0.15 -8.98 -3.10
CA ILE C 97 1.04 -9.00 -2.24
C ILE C 97 0.95 -10.16 -1.25
N ILE C 98 2.07 -10.87 -1.08
CA ILE C 98 2.22 -11.90 -0.08
C ILE C 98 2.99 -11.30 1.10
N TRP C 99 2.39 -11.35 2.28
CA TRP C 99 2.95 -10.76 3.48
C TRP C 99 3.35 -11.84 4.47
N ASP C 100 4.50 -11.65 5.10
CA ASP C 100 4.90 -12.36 6.31
C ASP C 100 4.41 -11.53 7.49
N SER C 101 3.47 -12.09 8.25
CA SER C 101 2.83 -11.30 9.30
C SER C 101 3.74 -11.10 10.51
N TYR C 102 4.59 -12.08 10.82
CA TYR C 102 5.43 -11.99 12.02
C TYR C 102 6.44 -10.85 11.91
N THR C 103 6.98 -10.63 10.71
CA THR C 103 8.05 -9.65 10.53
C THR C 103 7.66 -8.49 9.63
N THR C 104 6.46 -8.50 9.04
CA THR C 104 5.99 -7.47 8.10
C THR C 104 6.87 -7.39 6.87
N ASN C 105 7.49 -8.51 6.48
CA ASN C 105 8.27 -8.58 5.27
C ASN C 105 7.39 -8.95 4.09
N LYS C 106 7.71 -8.40 2.92
CA LYS C 106 7.03 -8.76 1.69
C LYS C 106 7.77 -9.93 1.05
N VAL C 107 7.05 -11.00 0.77
CA VAL C 107 7.64 -12.19 0.17
C VAL C 107 7.53 -12.15 -1.35
N HIS C 108 6.36 -11.77 -1.87
CA HIS C 108 6.12 -11.70 -3.30
C HIS C 108 5.20 -10.54 -3.61
N ALA C 109 5.38 -9.96 -4.80
CA ALA C 109 4.50 -8.93 -5.32
C ALA C 109 4.17 -9.29 -6.76
N ILE C 110 2.93 -9.71 -7.01
CA ILE C 110 2.48 -10.18 -8.31
C ILE C 110 1.72 -9.05 -9.01
N PRO C 111 2.15 -8.62 -10.18
CA PRO C 111 1.33 -7.70 -10.97
C PRO C 111 0.27 -8.44 -11.77
N LEU C 112 -0.88 -7.79 -11.92
CA LEU C 112 -2.03 -8.39 -12.57
C LEU C 112 -2.28 -7.74 -13.92
N ARG C 113 -2.81 -8.53 -14.85
CA ARG C 113 -3.17 -7.99 -16.15
C ARG C 113 -4.29 -6.95 -16.02
N SER C 114 -5.36 -7.31 -15.32
CA SER C 114 -6.47 -6.42 -15.05
C SER C 114 -6.38 -5.93 -13.62
N SER C 115 -6.58 -4.64 -13.41
CA SER C 115 -6.46 -4.02 -12.09
C SER C 115 -7.78 -4.00 -11.32
N TRP C 116 -8.88 -4.43 -11.94
CA TRP C 116 -10.18 -4.39 -11.29
C TRP C 116 -10.47 -5.71 -10.57
N VAL C 117 -9.63 -6.00 -9.59
CA VAL C 117 -9.70 -7.23 -8.82
C VAL C 117 -10.65 -7.04 -7.66
N MET C 118 -11.41 -8.09 -7.33
CA MET C 118 -12.40 -8.04 -6.26
C MET C 118 -12.33 -9.21 -5.30
N THR C 119 -11.47 -10.20 -5.54
CA THR C 119 -11.36 -11.34 -4.65
C THR C 119 -9.99 -11.98 -4.83
N CYS C 120 -9.56 -12.70 -3.79
CA CYS C 120 -8.33 -13.47 -3.84
C CYS C 120 -8.44 -14.66 -2.91
N ALA C 121 -7.71 -15.71 -3.23
CA ALA C 121 -7.70 -16.94 -2.45
C ALA C 121 -6.26 -17.43 -2.33
N TYR C 122 -6.01 -18.24 -1.31
CA TYR C 122 -4.68 -18.76 -1.05
C TYR C 122 -4.82 -20.27 -0.89
N ALA C 123 -4.09 -21.03 -1.69
CA ALA C 123 -4.30 -22.48 -1.72
C ALA C 123 -3.91 -23.11 -0.39
N PRO C 124 -4.65 -24.13 0.06
CA PRO C 124 -4.31 -24.77 1.34
C PRO C 124 -2.92 -25.39 1.36
N SER C 125 -2.44 -25.92 0.24
CA SER C 125 -1.09 -26.44 0.20
C SER C 125 -0.05 -25.33 0.33
N GLY C 126 -0.37 -24.14 -0.15
CA GLY C 126 0.56 -23.03 -0.17
C GLY C 126 1.28 -22.83 -1.48
N ASN C 127 0.93 -23.60 -2.51
CA ASN C 127 1.65 -23.56 -3.77
C ASN C 127 1.08 -22.57 -4.78
N TYR C 128 -0.20 -22.20 -4.65
CA TYR C 128 -0.87 -21.37 -5.65
C TYR C 128 -1.62 -20.23 -4.98
N VAL C 129 -1.88 -19.18 -5.77
CA VAL C 129 -2.84 -18.14 -5.40
C VAL C 129 -3.80 -17.96 -6.57
N ALA C 130 -4.91 -17.30 -6.29
CA ALA C 130 -5.94 -17.06 -7.30
C ALA C 130 -6.53 -15.68 -7.09
N CYS C 131 -7.00 -15.07 -8.18
CA CYS C 131 -7.68 -13.79 -8.08
C CYS C 131 -8.57 -13.56 -9.29
N GLY C 132 -9.57 -12.72 -9.12
CA GLY C 132 -10.48 -12.40 -10.20
C GLY C 132 -11.18 -11.09 -9.94
N GLY C 133 -12.00 -10.67 -10.89
CA GLY C 133 -12.68 -9.39 -10.76
C GLY C 133 -13.60 -9.03 -11.91
N LEU C 134 -13.51 -7.78 -12.38
CA LEU C 134 -14.36 -7.29 -13.45
C LEU C 134 -13.99 -7.85 -14.81
N ASP C 135 -12.88 -8.59 -14.92
CA ASP C 135 -12.50 -9.21 -16.18
C ASP C 135 -13.24 -10.51 -16.47
N ASN C 136 -14.04 -10.99 -15.51
CA ASN C 136 -14.80 -12.24 -15.64
C ASN C 136 -13.90 -13.46 -15.77
N ILE C 137 -12.62 -13.34 -15.41
CA ILE C 137 -11.64 -14.42 -15.52
C ILE C 137 -11.01 -14.65 -14.17
N CYS C 138 -10.83 -15.90 -13.79
CA CYS C 138 -10.12 -16.28 -12.58
C CYS C 138 -8.71 -16.71 -12.95
N SER C 139 -7.71 -15.97 -12.47
CA SER C 139 -6.31 -16.24 -12.77
C SER C 139 -5.69 -17.00 -11.60
N ILE C 140 -4.92 -18.03 -11.94
CA ILE C 140 -4.27 -18.91 -10.97
C ILE C 140 -2.77 -18.83 -11.20
N TYR C 141 -2.04 -18.45 -10.15
CA TYR C 141 -0.61 -18.20 -10.18
C TYR C 141 0.12 -19.27 -9.38
N ASN C 142 1.19 -19.80 -9.96
CA ASN C 142 2.05 -20.78 -9.31
C ASN C 142 3.14 -20.07 -8.52
N LEU C 143 3.24 -20.39 -7.23
CA LEU C 143 4.14 -19.67 -6.34
C LEU C 143 5.51 -20.33 -6.20
N LYS C 144 5.69 -21.56 -6.67
CA LYS C 144 6.92 -22.32 -6.45
C LYS C 144 7.41 -22.89 -7.78
N THR C 145 8.22 -22.10 -8.49
CA THR C 145 8.80 -22.49 -9.76
C THR C 145 10.32 -22.50 -9.65
N ARG C 146 10.96 -23.27 -10.52
CA ARG C 146 12.42 -23.34 -10.56
C ARG C 146 13.05 -22.05 -11.05
N GLU C 147 12.31 -21.23 -11.80
CA GLU C 147 12.87 -19.99 -12.31
C GLU C 147 13.02 -18.93 -11.24
N GLY C 148 12.34 -19.08 -10.11
CA GLY C 148 12.46 -18.14 -9.02
C GLY C 148 11.50 -16.98 -9.05
N ASN C 149 10.56 -16.95 -9.98
CA ASN C 149 9.56 -15.90 -10.05
C ASN C 149 8.17 -16.53 -10.10
N VAL C 150 7.16 -15.71 -9.85
CA VAL C 150 5.78 -16.15 -9.88
C VAL C 150 5.24 -15.93 -11.30
N ARG C 151 4.67 -16.97 -11.88
CA ARG C 151 4.11 -16.91 -13.22
C ARG C 151 2.66 -17.32 -13.19
N VAL C 152 1.86 -16.70 -14.07
CA VAL C 152 0.48 -17.12 -14.22
C VAL C 152 0.45 -18.50 -14.85
N SER C 153 -0.29 -19.41 -14.23
CA SER C 153 -0.35 -20.79 -14.69
C SER C 153 -1.66 -21.15 -15.35
N ARG C 154 -2.77 -20.53 -14.95
CA ARG C 154 -4.04 -20.89 -15.57
C ARG C 154 -4.98 -19.70 -15.58
N GLU C 155 -5.85 -19.66 -16.59
CA GLU C 155 -6.86 -18.61 -16.73
C GLU C 155 -8.20 -19.27 -17.01
N LEU C 156 -9.11 -19.21 -16.05
CA LEU C 156 -10.44 -19.80 -16.17
C LEU C 156 -11.40 -18.73 -16.64
N ALA C 157 -12.01 -18.94 -17.81
CA ALA C 157 -12.91 -17.94 -18.42
C ALA C 157 -14.14 -18.66 -18.97
N GLY C 158 -15.19 -18.70 -18.16
CA GLY C 158 -16.47 -19.21 -18.60
C GLY C 158 -17.65 -18.43 -18.05
N HIS C 159 -17.37 -17.39 -17.28
CA HIS C 159 -18.41 -16.60 -16.64
C HIS C 159 -18.79 -15.40 -17.51
N THR C 160 -20.05 -15.00 -17.42
CA THR C 160 -20.54 -13.82 -18.11
C THR C 160 -20.74 -12.64 -17.17
N GLY C 161 -20.29 -12.76 -15.92
CA GLY C 161 -20.33 -11.66 -14.98
C GLY C 161 -19.05 -11.61 -14.17
N TYR C 162 -18.93 -10.56 -13.37
CA TYR C 162 -17.71 -10.35 -12.60
C TYR C 162 -17.57 -11.40 -11.51
N LEU C 163 -16.35 -11.87 -11.30
CA LEU C 163 -16.07 -12.78 -10.20
C LEU C 163 -16.13 -12.05 -8.86
N SER C 164 -16.85 -12.62 -7.91
CA SER C 164 -16.98 -12.02 -6.59
C SER C 164 -16.29 -12.82 -5.49
N CYS C 165 -16.08 -14.12 -5.68
CA CYS C 165 -15.40 -14.93 -4.68
C CYS C 165 -14.82 -16.17 -5.37
N CYS C 166 -13.83 -16.76 -4.71
CA CYS C 166 -13.20 -17.99 -5.19
C CYS C 166 -12.49 -18.66 -4.03
N ARG C 167 -12.63 -19.98 -3.94
CA ARG C 167 -11.98 -20.76 -2.88
C ARG C 167 -11.40 -22.03 -3.47
N PHE C 168 -10.19 -22.36 -3.05
CA PHE C 168 -9.54 -23.60 -3.45
C PHE C 168 -10.13 -24.78 -2.69
N LEU C 169 -10.12 -25.95 -3.31
CA LEU C 169 -10.62 -27.16 -2.66
C LEU C 169 -9.51 -28.14 -2.33
N ASP C 170 -8.81 -28.66 -3.34
CA ASP C 170 -7.75 -29.63 -3.10
C ASP C 170 -6.58 -29.41 -4.06
N ASP C 171 -6.18 -28.16 -4.25
CA ASP C 171 -5.03 -27.76 -5.07
C ASP C 171 -5.27 -28.02 -6.56
N ASN C 172 -6.41 -28.63 -6.93
CA ASN C 172 -6.75 -28.84 -8.32
C ASN C 172 -8.20 -28.49 -8.65
N GLN C 173 -9.04 -28.20 -7.65
CA GLN C 173 -10.41 -27.79 -7.86
C GLN C 173 -10.65 -26.47 -7.18
N ILE C 174 -11.37 -25.58 -7.86
CA ILE C 174 -11.70 -24.26 -7.33
C ILE C 174 -13.18 -23.98 -7.60
N VAL C 175 -13.83 -23.36 -6.63
CA VAL C 175 -15.22 -22.95 -6.74
C VAL C 175 -15.26 -21.43 -6.85
N THR C 176 -16.05 -20.92 -7.79
CA THR C 176 -16.15 -19.50 -8.02
C THR C 176 -17.61 -19.08 -8.08
N SER C 177 -17.87 -17.82 -7.69
CA SER C 177 -19.18 -17.22 -7.81
C SER C 177 -19.04 -15.90 -8.57
N SER C 178 -20.09 -15.54 -9.30
CA SER C 178 -20.03 -14.38 -10.17
C SER C 178 -21.35 -13.61 -10.11
N GLY C 179 -21.35 -12.45 -10.76
CA GLY C 179 -22.49 -11.58 -10.84
C GLY C 179 -23.52 -11.95 -11.88
N ASP C 180 -23.29 -13.03 -12.62
CA ASP C 180 -24.26 -13.58 -13.56
C ASP C 180 -25.20 -14.57 -12.91
N THR C 181 -25.27 -14.60 -11.58
CA THR C 181 -26.20 -15.35 -10.73
C THR C 181 -25.88 -16.84 -10.65
N THR C 182 -24.71 -17.29 -11.06
CA THR C 182 -24.38 -18.71 -11.05
C THR C 182 -23.07 -18.94 -10.31
N CYS C 183 -22.87 -20.17 -9.87
CA CYS C 183 -21.62 -20.63 -9.29
C CYS C 183 -21.04 -21.74 -10.17
N ALA C 184 -19.74 -21.97 -10.04
CA ALA C 184 -19.08 -22.97 -10.87
C ALA C 184 -17.99 -23.68 -10.10
N LEU C 185 -17.80 -24.96 -10.42
CA LEU C 185 -16.71 -25.77 -9.92
C LEU C 185 -15.84 -26.18 -11.11
N TRP C 186 -14.54 -25.88 -11.02
CA TRP C 186 -13.63 -25.98 -12.14
C TRP C 186 -12.64 -27.13 -11.96
N ASP C 187 -11.97 -27.46 -13.07
CA ASP C 187 -10.83 -28.37 -13.07
C ASP C 187 -9.65 -27.61 -13.66
N ILE C 188 -8.61 -27.40 -12.87
CA ILE C 188 -7.61 -26.39 -13.19
C ILE C 188 -6.78 -26.80 -14.40
N GLU C 189 -6.32 -28.05 -14.46
CA GLU C 189 -5.39 -28.42 -15.53
C GLU C 189 -6.09 -28.53 -16.87
N THR C 190 -7.38 -28.84 -16.88
CA THR C 190 -8.13 -28.82 -18.14
C THR C 190 -8.73 -27.45 -18.43
N GLY C 191 -9.14 -26.73 -17.39
CA GLY C 191 -9.71 -25.40 -17.57
C GLY C 191 -11.18 -25.39 -17.88
N GLN C 192 -11.91 -26.45 -17.58
CA GLN C 192 -13.31 -26.57 -17.94
C GLN C 192 -14.17 -26.65 -16.68
N GLN C 193 -15.39 -26.14 -16.79
CA GLN C 193 -16.33 -26.14 -15.67
C GLN C 193 -16.81 -27.57 -15.43
N THR C 194 -16.30 -28.19 -14.37
CA THR C 194 -16.78 -29.51 -14.01
C THR C 194 -18.25 -29.49 -13.62
N THR C 195 -18.67 -28.47 -12.88
CA THR C 195 -20.06 -28.37 -12.45
C THR C 195 -20.50 -26.91 -12.48
N THR C 196 -21.80 -26.69 -12.67
CA THR C 196 -22.39 -25.36 -12.63
C THR C 196 -23.63 -25.40 -11.75
N PHE C 197 -23.72 -24.45 -10.82
CA PHE C 197 -24.84 -24.35 -9.89
C PHE C 197 -25.66 -23.12 -10.25
N THR C 198 -26.94 -23.34 -10.60
CA THR C 198 -27.84 -22.27 -11.03
C THR C 198 -29.14 -22.38 -10.24
N GLY C 199 -29.25 -21.64 -9.14
CA GLY C 199 -30.51 -21.55 -8.43
C GLY C 199 -30.90 -20.14 -8.02
N HIS C 200 -29.96 -19.21 -8.14
CA HIS C 200 -30.19 -17.86 -7.64
C HIS C 200 -30.86 -16.99 -8.69
N THR C 201 -31.39 -15.85 -8.24
CA THR C 201 -32.00 -14.88 -9.13
C THR C 201 -31.29 -13.54 -9.14
N GLY C 202 -30.38 -13.28 -8.20
CA GLY C 202 -29.55 -12.08 -8.22
C GLY C 202 -28.08 -12.45 -8.21
N ASP C 203 -27.24 -11.40 -8.26
CA ASP C 203 -25.81 -11.61 -8.25
C ASP C 203 -25.37 -12.34 -6.98
N VAL C 204 -24.50 -13.32 -7.14
CA VAL C 204 -23.94 -14.03 -6.00
C VAL C 204 -22.74 -13.24 -5.48
N MET C 205 -22.74 -12.93 -4.18
CA MET C 205 -21.75 -12.04 -3.62
C MET C 205 -20.65 -12.75 -2.85
N SER C 206 -20.89 -13.93 -2.30
CA SER C 206 -19.89 -14.59 -1.49
C SER C 206 -20.22 -16.07 -1.36
N LEU C 207 -19.21 -16.85 -0.96
CA LEU C 207 -19.40 -18.24 -0.62
C LEU C 207 -18.35 -18.66 0.40
N SER C 208 -18.67 -19.68 1.18
CA SER C 208 -17.73 -20.25 2.14
C SER C 208 -17.78 -21.77 2.04
N LEU C 209 -16.62 -22.39 2.15
CA LEU C 209 -16.51 -23.84 2.05
C LEU C 209 -16.64 -24.48 3.44
N ALA C 210 -17.28 -25.64 3.47
CA ALA C 210 -17.42 -26.38 4.72
C ALA C 210 -16.10 -27.05 5.11
N PRO C 211 -15.89 -27.30 6.40
CA PRO C 211 -14.63 -27.94 6.82
C PRO C 211 -14.33 -29.26 6.12
N ASP C 212 -15.35 -30.08 5.88
CA ASP C 212 -15.14 -31.34 5.17
C ASP C 212 -15.13 -31.17 3.66
N THR C 213 -15.36 -29.95 3.16
CA THR C 213 -15.34 -29.62 1.74
C THR C 213 -16.31 -30.48 0.93
N ARG C 214 -17.39 -30.94 1.57
CA ARG C 214 -18.45 -31.64 0.87
C ARG C 214 -19.57 -30.69 0.44
N LEU C 215 -19.89 -29.72 1.26
CA LEU C 215 -20.95 -28.75 1.00
C LEU C 215 -20.36 -27.35 0.95
N PHE C 216 -21.16 -26.41 0.47
CA PHE C 216 -20.82 -25.00 0.63
C PHE C 216 -22.08 -24.16 0.59
N VAL C 217 -21.97 -22.92 1.01
CA VAL C 217 -23.11 -22.02 1.07
C VAL C 217 -22.79 -20.76 0.28
N SER C 218 -23.84 -20.20 -0.33
CA SER C 218 -23.69 -18.99 -1.14
C SER C 218 -24.79 -18.00 -0.81
N GLY C 219 -24.42 -16.73 -0.75
CA GLY C 219 -25.36 -15.64 -0.53
C GLY C 219 -25.42 -14.75 -1.76
N ALA C 220 -26.61 -14.23 -2.06
CA ALA C 220 -26.83 -13.48 -3.29
C ALA C 220 -27.57 -12.18 -2.97
N CYS C 221 -27.82 -11.40 -4.01
CA CYS C 221 -28.50 -10.12 -3.88
C CYS C 221 -30.02 -10.26 -3.86
N ASP C 222 -30.56 -11.48 -4.00
CA ASP C 222 -31.97 -11.73 -3.82
C ASP C 222 -32.35 -11.93 -2.35
N ALA C 223 -31.44 -11.60 -1.43
CA ALA C 223 -31.64 -11.69 0.01
C ALA C 223 -31.79 -13.12 0.50
N SER C 224 -31.32 -14.10 -0.27
CA SER C 224 -31.44 -15.50 0.10
C SER C 224 -30.06 -16.13 0.21
N ALA C 225 -30.01 -17.25 0.93
CA ALA C 225 -28.80 -18.07 1.03
C ALA C 225 -29.15 -19.48 0.61
N LYS C 226 -28.20 -20.16 -0.02
CA LYS C 226 -28.43 -21.51 -0.52
C LYS C 226 -27.28 -22.42 -0.13
N LEU C 227 -27.63 -23.68 0.13
CA LEU C 227 -26.65 -24.71 0.50
C LEU C 227 -26.53 -25.70 -0.65
N TRP C 228 -25.34 -25.76 -1.25
CA TRP C 228 -25.05 -26.63 -2.38
C TRP C 228 -24.20 -27.81 -1.94
N ASP C 229 -24.41 -28.93 -2.63
CA ASP C 229 -23.61 -30.14 -2.48
C ASP C 229 -22.60 -30.18 -3.61
N VAL C 230 -21.32 -30.24 -3.28
CA VAL C 230 -20.28 -30.24 -4.31
C VAL C 230 -20.44 -31.46 -5.21
N ARG C 231 -20.67 -32.61 -4.62
CA ARG C 231 -21.05 -33.80 -5.39
C ARG C 231 -22.53 -33.74 -5.72
N GLU C 232 -22.86 -34.19 -6.94
CA GLU C 232 -24.22 -34.22 -7.49
C GLU C 232 -24.72 -32.84 -7.89
N GLY C 233 -23.96 -31.80 -7.55
CA GLY C 233 -24.24 -30.46 -8.07
C GLY C 233 -25.65 -29.96 -7.82
N MET C 234 -26.27 -30.39 -6.72
CA MET C 234 -27.65 -30.05 -6.42
C MET C 234 -27.72 -29.06 -5.27
N CYS C 235 -28.88 -28.44 -5.14
CA CYS C 235 -29.17 -27.51 -4.04
C CYS C 235 -30.08 -28.20 -3.03
N ARG C 236 -29.63 -28.24 -1.77
CA ARG C 236 -30.36 -28.95 -0.73
C ARG C 236 -31.30 -28.07 0.08
N GLN C 237 -30.88 -26.84 0.40
CA GLN C 237 -31.65 -26.02 1.32
C GLN C 237 -31.52 -24.55 0.94
N THR C 238 -32.57 -23.80 1.25
CA THR C 238 -32.64 -22.37 1.01
C THR C 238 -33.09 -21.67 2.29
N PHE C 239 -32.38 -20.62 2.66
CA PHE C 239 -32.67 -19.87 3.87
C PHE C 239 -32.97 -18.42 3.51
N THR C 240 -34.00 -17.86 4.15
CA THR C 240 -34.43 -16.49 3.92
C THR C 240 -34.59 -15.79 5.27
N GLY C 241 -34.87 -14.50 5.21
CA GLY C 241 -35.04 -13.72 6.41
C GLY C 241 -34.44 -12.33 6.34
N HIS C 242 -33.42 -12.16 5.48
CA HIS C 242 -32.80 -10.86 5.31
C HIS C 242 -33.71 -9.96 4.47
N GLU C 243 -33.48 -8.66 4.58
CA GLU C 243 -34.29 -7.66 3.88
C GLU C 243 -33.59 -7.06 2.67
N SER C 244 -32.29 -7.31 2.49
CA SER C 244 -31.55 -6.68 1.39
C SER C 244 -30.45 -7.64 0.95
N ASP C 245 -29.51 -7.12 0.18
CA ASP C 245 -28.44 -7.95 -0.39
C ASP C 245 -27.57 -8.52 0.70
N ILE C 246 -27.12 -9.76 0.49
CA ILE C 246 -26.21 -10.44 1.40
C ILE C 246 -24.79 -10.26 0.87
N ASN C 247 -23.92 -9.66 1.68
CA ASN C 247 -22.56 -9.36 1.23
C ASN C 247 -21.51 -10.32 1.77
N ALA C 248 -21.81 -11.07 2.82
CA ALA C 248 -20.81 -11.92 3.45
C ALA C 248 -21.48 -13.17 3.99
N ILE C 249 -20.67 -14.23 4.12
CA ILE C 249 -21.17 -15.50 4.64
C ILE C 249 -19.98 -16.27 5.20
N CYS C 250 -20.23 -17.10 6.21
CA CYS C 250 -19.17 -17.86 6.86
C CYS C 250 -19.76 -19.03 7.63
N PHE C 251 -19.12 -20.19 7.52
CA PHE C 251 -19.52 -21.35 8.28
C PHE C 251 -19.10 -21.25 9.74
N PHE C 252 -19.94 -21.81 10.61
CA PHE C 252 -19.56 -22.08 11.98
C PHE C 252 -18.47 -23.15 11.99
N PRO C 253 -17.53 -23.10 12.94
CA PRO C 253 -16.44 -24.08 12.95
C PRO C 253 -16.91 -25.53 13.00
N ASN C 254 -18.05 -25.80 13.64
CA ASN C 254 -18.57 -27.16 13.68
C ASN C 254 -18.92 -27.67 12.30
N GLY C 255 -19.50 -26.83 11.46
CA GLY C 255 -20.02 -27.25 10.18
C GLY C 255 -21.52 -27.50 10.15
N ASN C 256 -22.24 -27.10 11.19
CA ASN C 256 -23.68 -27.28 11.27
C ASN C 256 -24.46 -25.98 11.24
N ALA C 257 -23.77 -24.84 11.09
CA ALA C 257 -24.44 -23.55 11.10
C ALA C 257 -23.58 -22.56 10.33
N PHE C 258 -24.19 -21.45 9.95
CA PHE C 258 -23.45 -20.39 9.27
C PHE C 258 -24.06 -19.04 9.61
N ALA C 259 -23.29 -17.98 9.34
CA ALA C 259 -23.69 -16.62 9.63
C ALA C 259 -23.61 -15.78 8.37
N THR C 260 -24.53 -14.82 8.26
CA THR C 260 -24.64 -13.98 7.08
C THR C 260 -24.73 -12.51 7.50
N GLY C 261 -24.14 -11.65 6.69
CA GLY C 261 -24.25 -10.20 6.88
C GLY C 261 -24.81 -9.56 5.63
N SER C 262 -25.67 -8.56 5.83
CA SER C 262 -26.40 -7.96 4.73
C SER C 262 -26.35 -6.44 4.82
N ASP C 263 -27.00 -5.79 3.84
CA ASP C 263 -27.00 -4.32 3.76
C ASP C 263 -27.97 -3.67 4.74
N ASP C 264 -28.89 -4.43 5.32
CA ASP C 264 -29.85 -3.89 6.27
C ASP C 264 -29.30 -3.84 7.69
N ALA C 265 -27.97 -3.84 7.84
CA ALA C 265 -27.31 -3.58 9.11
C ALA C 265 -27.64 -4.64 10.17
N THR C 266 -27.71 -5.90 9.74
CA THR C 266 -27.93 -6.99 10.68
C THR C 266 -27.15 -8.22 10.25
N CYS C 267 -26.75 -9.03 11.22
CA CYS C 267 -26.18 -10.34 10.97
C CYS C 267 -27.17 -11.40 11.43
N ARG C 268 -27.10 -12.58 10.82
CA ARG C 268 -28.04 -13.63 11.16
C ARG C 268 -27.34 -14.98 11.19
N LEU C 269 -27.81 -15.85 12.08
CA LEU C 269 -27.27 -17.19 12.24
C LEU C 269 -28.32 -18.22 11.84
N PHE C 270 -27.97 -19.10 10.90
CA PHE C 270 -28.85 -20.17 10.47
C PHE C 270 -28.22 -21.51 10.77
N ASP C 271 -29.06 -22.51 11.03
CA ASP C 271 -28.61 -23.86 11.34
C ASP C 271 -29.01 -24.79 10.20
N LEU C 272 -28.09 -25.66 9.79
CA LEU C 272 -28.31 -26.52 8.63
C LEU C 272 -29.34 -27.62 8.90
N ARG C 273 -29.50 -28.04 10.14
CA ARG C 273 -30.34 -29.19 10.44
C ARG C 273 -31.77 -28.82 10.80
N ALA C 274 -31.99 -27.66 11.41
CA ALA C 274 -33.33 -27.19 11.71
C ALA C 274 -33.97 -26.43 10.57
N ASP C 275 -33.20 -26.06 9.54
CA ASP C 275 -33.69 -25.28 8.40
C ASP C 275 -34.39 -24.00 8.87
N GLN C 276 -33.74 -23.27 9.76
CA GLN C 276 -34.38 -22.13 10.40
C GLN C 276 -33.34 -21.16 10.93
N GLU C 277 -33.75 -19.90 11.03
CA GLU C 277 -32.92 -18.88 11.66
C GLU C 277 -32.82 -19.13 13.16
N LEU C 278 -31.65 -18.87 13.73
CA LEU C 278 -31.44 -19.03 15.17
C LEU C 278 -31.37 -17.71 15.92
N MET C 279 -30.66 -16.72 15.39
CA MET C 279 -30.47 -15.47 16.12
C MET C 279 -30.11 -14.35 15.16
N THR C 280 -30.41 -13.12 15.59
CA THR C 280 -30.20 -11.91 14.82
C THR C 280 -29.36 -10.94 15.64
N TYR C 281 -28.26 -10.47 15.06
CA TYR C 281 -27.33 -9.54 15.70
C TYR C 281 -27.51 -8.18 15.08
N SER C 282 -28.10 -7.25 15.83
CA SER C 282 -28.31 -5.89 15.34
C SER C 282 -28.36 -4.95 16.53
N HIS C 283 -28.09 -3.68 16.26
CA HIS C 283 -28.12 -2.63 17.28
C HIS C 283 -28.70 -1.36 16.65
N ASP C 284 -29.58 -0.69 17.39
CA ASP C 284 -30.26 0.48 16.86
C ASP C 284 -29.32 1.67 16.63
N ASN C 285 -28.12 1.64 17.18
CA ASN C 285 -27.17 2.73 16.99
C ASN C 285 -26.37 2.61 15.70
N ILE C 286 -26.44 1.48 15.00
CA ILE C 286 -25.71 1.25 13.76
C ILE C 286 -26.72 1.04 12.64
N ILE C 287 -26.49 1.70 11.51
CA ILE C 287 -27.43 1.70 10.39
C ILE C 287 -26.78 1.37 9.06
N CYS C 288 -25.45 1.24 9.01
CA CYS C 288 -24.76 0.97 7.76
C CYS C 288 -24.66 -0.53 7.52
N GLY C 289 -24.24 -0.89 6.30
CA GLY C 289 -24.18 -2.28 5.90
C GLY C 289 -22.96 -3.01 6.43
N ILE C 290 -22.97 -4.33 6.27
CA ILE C 290 -21.91 -5.21 6.72
C ILE C 290 -21.15 -5.72 5.51
N THR C 291 -19.84 -5.54 5.51
CA THR C 291 -19.01 -5.92 4.37
C THR C 291 -18.39 -7.30 4.51
N SER C 292 -18.07 -7.74 5.73
CA SER C 292 -17.41 -9.01 5.93
C SER C 292 -17.81 -9.56 7.29
N VAL C 293 -17.63 -10.87 7.46
CA VAL C 293 -18.01 -11.55 8.69
C VAL C 293 -17.12 -12.77 8.86
N SER C 294 -16.77 -13.08 10.11
CA SER C 294 -15.86 -14.18 10.39
C SER C 294 -16.04 -14.64 11.82
N PHE C 295 -15.95 -15.96 12.02
CA PHE C 295 -16.07 -16.57 13.32
C PHE C 295 -14.72 -16.65 14.03
N SER C 296 -14.77 -16.94 15.33
CA SER C 296 -13.56 -17.19 16.11
C SER C 296 -13.26 -18.69 16.12
N LYS C 297 -12.11 -19.04 16.73
CA LYS C 297 -11.66 -20.42 16.66
C LYS C 297 -12.64 -21.38 17.31
N SER C 298 -13.16 -21.02 18.48
CA SER C 298 -14.14 -21.85 19.17
C SER C 298 -15.58 -21.54 18.76
N GLY C 299 -15.79 -20.54 17.93
CA GLY C 299 -17.13 -20.13 17.55
C GLY C 299 -17.82 -19.25 18.57
N ARG C 300 -17.15 -18.86 19.65
CA ARG C 300 -17.78 -18.04 20.68
C ARG C 300 -17.93 -16.59 20.26
N LEU C 301 -16.98 -16.06 19.50
CA LEU C 301 -17.02 -14.68 19.04
C LEU C 301 -17.43 -14.63 17.58
N LEU C 302 -18.02 -13.50 17.18
CA LEU C 302 -18.41 -13.27 15.80
C LEU C 302 -17.96 -11.87 15.40
N LEU C 303 -17.04 -11.78 14.45
CA LEU C 303 -16.47 -10.51 14.04
C LEU C 303 -17.12 -10.04 12.75
N ALA C 304 -17.46 -8.75 12.69
CA ALA C 304 -18.13 -8.22 11.51
C ALA C 304 -17.58 -6.84 11.17
N GLY C 305 -17.27 -6.62 9.90
CA GLY C 305 -16.78 -5.34 9.42
C GLY C 305 -17.90 -4.51 8.84
N TYR C 306 -17.85 -3.20 9.08
CA TYR C 306 -18.95 -2.29 8.80
C TYR C 306 -18.49 -1.15 7.91
N ASP C 307 -19.46 -0.45 7.33
CA ASP C 307 -19.19 0.75 6.55
C ASP C 307 -18.83 1.96 7.41
N ASP C 308 -19.19 1.93 8.70
CA ASP C 308 -18.92 3.05 9.60
C ASP C 308 -17.48 3.08 10.09
N PHE C 309 -16.58 2.40 9.39
CA PHE C 309 -15.13 2.39 9.56
C PHE C 309 -14.68 1.53 10.73
N ASN C 310 -15.59 0.75 11.34
CA ASN C 310 -15.30 0.03 12.56
C ASN C 310 -15.68 -1.43 12.42
N CYS C 311 -15.02 -2.27 13.23
CA CYS C 311 -15.35 -3.68 13.31
C CYS C 311 -15.97 -3.99 14.66
N ASN C 312 -16.98 -4.85 14.67
CA ASN C 312 -17.68 -5.20 15.90
C ASN C 312 -17.47 -6.66 16.24
N VAL C 313 -17.22 -6.94 17.52
CA VAL C 313 -17.07 -8.30 18.02
C VAL C 313 -18.30 -8.59 18.87
N TRP C 314 -19.12 -9.52 18.39
CA TRP C 314 -20.38 -9.93 19.00
C TRP C 314 -20.18 -11.24 19.74
N ASP C 315 -20.95 -11.43 20.81
CA ASP C 315 -21.02 -12.72 21.48
C ASP C 315 -21.97 -13.61 20.67
N ALA C 316 -21.44 -14.68 20.09
CA ALA C 316 -22.20 -15.49 19.15
C ALA C 316 -23.35 -16.24 19.82
N LEU C 317 -23.40 -16.28 21.14
CA LEU C 317 -24.45 -17.00 21.84
C LEU C 317 -25.43 -16.09 22.59
N LYS C 318 -24.99 -14.90 23.01
CA LYS C 318 -25.85 -13.99 23.77
C LYS C 318 -26.27 -12.76 23.01
N ALA C 319 -25.67 -12.49 21.84
CA ALA C 319 -26.04 -11.38 20.96
C ALA C 319 -25.77 -10.03 21.61
N ASP C 320 -24.69 -9.94 22.38
CA ASP C 320 -24.27 -8.68 22.99
C ASP C 320 -22.96 -8.25 22.36
N ARG C 321 -22.85 -6.97 22.04
CA ARG C 321 -21.64 -6.44 21.42
C ARG C 321 -20.54 -6.44 22.47
N ALA C 322 -19.67 -7.45 22.40
CA ALA C 322 -18.63 -7.63 23.41
C ALA C 322 -17.38 -6.80 23.14
N GLY C 323 -17.24 -6.21 21.96
CA GLY C 323 -16.06 -5.39 21.74
C GLY C 323 -16.11 -4.65 20.42
N VAL C 324 -15.16 -3.72 20.28
CA VAL C 324 -15.06 -2.87 19.09
C VAL C 324 -13.60 -2.77 18.69
N LEU C 325 -13.33 -2.98 17.40
CA LEU C 325 -12.02 -2.77 16.79
C LEU C 325 -12.10 -1.49 15.98
N ALA C 326 -11.38 -0.46 16.41
CA ALA C 326 -11.34 0.83 15.74
C ALA C 326 -9.90 1.17 15.37
N GLY C 327 -9.75 2.00 14.34
CA GLY C 327 -8.42 2.40 13.92
C GLY C 327 -8.24 2.58 12.43
N HIS C 328 -9.23 2.16 11.64
CA HIS C 328 -9.19 2.36 10.20
C HIS C 328 -9.87 3.66 9.83
N ASP C 329 -9.32 4.35 8.82
CA ASP C 329 -9.79 5.65 8.40
C ASP C 329 -10.76 5.59 7.23
N ASN C 330 -11.22 4.39 6.85
CA ASN C 330 -12.18 4.24 5.77
C ASN C 330 -12.89 2.89 5.97
N ARG C 331 -13.76 2.54 5.02
CA ARG C 331 -14.58 1.35 5.16
C ARG C 331 -13.73 0.09 5.30
N VAL C 332 -14.11 -0.76 6.25
CA VAL C 332 -13.42 -2.04 6.46
C VAL C 332 -13.98 -3.02 5.45
N SER C 333 -13.17 -3.41 4.48
CA SER C 333 -13.66 -4.22 3.36
C SER C 333 -13.45 -5.71 3.55
N CYS C 334 -12.41 -6.14 4.28
CA CYS C 334 -12.12 -7.55 4.37
C CYS C 334 -11.63 -7.90 5.78
N LEU C 335 -11.80 -9.17 6.14
CA LEU C 335 -11.63 -9.66 7.50
C LEU C 335 -11.20 -11.12 7.45
N GLY C 336 -10.31 -11.50 8.36
CA GLY C 336 -9.83 -12.87 8.38
C GLY C 336 -9.32 -13.28 9.74
N VAL C 337 -9.47 -14.57 10.05
CA VAL C 337 -8.98 -15.15 11.29
C VAL C 337 -8.09 -16.34 10.96
N THR C 338 -6.96 -16.45 11.65
CA THR C 338 -6.02 -17.54 11.40
C THR C 338 -6.61 -18.87 11.84
N ASP C 339 -6.05 -19.95 11.29
CA ASP C 339 -6.53 -21.29 11.57
C ASP C 339 -6.28 -21.71 13.02
N ASP C 340 -5.31 -21.09 13.69
CA ASP C 340 -5.06 -21.38 15.10
C ASP C 340 -5.66 -20.31 16.02
N GLY C 341 -6.46 -19.40 15.48
CA GLY C 341 -7.19 -18.45 16.32
C GLY C 341 -6.34 -17.41 16.99
N MET C 342 -5.10 -17.23 16.56
CA MET C 342 -4.16 -16.39 17.30
C MET C 342 -4.22 -14.92 16.92
N ALA C 343 -4.84 -14.57 15.78
CA ALA C 343 -4.84 -13.18 15.36
C ALA C 343 -6.02 -12.93 14.44
N VAL C 344 -6.31 -11.65 14.23
CA VAL C 344 -7.33 -11.20 13.28
C VAL C 344 -6.69 -10.19 12.34
N ALA C 345 -6.97 -10.34 11.05
CA ALA C 345 -6.48 -9.40 10.04
C ALA C 345 -7.67 -8.61 9.49
N THR C 346 -7.49 -7.30 9.39
CA THR C 346 -8.50 -6.43 8.80
C THR C 346 -7.88 -5.62 7.67
N GLY C 347 -8.60 -5.51 6.57
CA GLY C 347 -8.17 -4.68 5.46
C GLY C 347 -9.28 -3.72 5.07
N SER C 348 -8.88 -2.50 4.69
CA SER C 348 -9.81 -1.39 4.55
C SER C 348 -9.48 -0.60 3.30
N TRP C 349 -10.43 0.27 2.92
CA TRP C 349 -10.28 1.13 1.76
C TRP C 349 -9.22 2.21 1.95
N ASP C 350 -8.68 2.38 3.15
CA ASP C 350 -7.60 3.31 3.39
C ASP C 350 -6.22 2.72 3.04
N SER C 351 -6.19 1.52 2.45
CA SER C 351 -4.99 0.91 1.90
C SER C 351 -4.03 0.42 2.98
N PHE C 352 -4.55 0.01 4.13
CA PHE C 352 -3.73 -0.57 5.19
C PHE C 352 -4.35 -1.86 5.70
N LEU C 353 -3.48 -2.77 6.11
CA LEU C 353 -3.87 -4.01 6.78
C LEU C 353 -3.42 -3.94 8.22
N LYS C 354 -4.25 -4.45 9.12
CA LYS C 354 -3.94 -4.42 10.55
C LYS C 354 -4.13 -5.79 11.16
N ILE C 355 -3.20 -6.17 12.04
CA ILE C 355 -3.25 -7.42 12.80
C ILE C 355 -3.63 -7.08 14.24
N TRP C 356 -4.62 -7.81 14.76
CA TRP C 356 -5.17 -7.59 16.09
C TRP C 356 -5.04 -8.86 16.91
N ASN C 357 -4.78 -8.69 18.20
CA ASN C 357 -4.61 -9.83 19.11
C ASN C 357 -5.11 -9.50 20.51
N ILE D 9 -44.83 -23.59 -17.16
CA ILE D 9 -43.72 -23.63 -18.11
C ILE D 9 -42.57 -24.45 -17.49
N ALA D 10 -41.48 -24.61 -18.24
CA ALA D 10 -40.37 -25.43 -17.78
C ALA D 10 -39.77 -24.87 -16.49
N GLN D 11 -39.61 -23.55 -16.40
CA GLN D 11 -39.03 -22.94 -15.22
C GLN D 11 -39.90 -23.19 -13.98
N ALA D 12 -41.22 -23.08 -14.14
CA ALA D 12 -42.12 -23.39 -13.04
C ALA D 12 -42.01 -24.86 -12.65
N ARG D 13 -41.86 -25.75 -13.63
CA ARG D 13 -41.65 -27.16 -13.34
C ARG D 13 -40.40 -27.37 -12.49
N LYS D 14 -39.29 -26.73 -12.88
CA LYS D 14 -38.05 -26.86 -12.13
C LYS D 14 -38.20 -26.31 -10.72
N LEU D 15 -38.86 -25.16 -10.57
CA LEU D 15 -39.05 -24.58 -9.25
C LEU D 15 -39.89 -25.49 -8.36
N VAL D 16 -41.00 -26.01 -8.88
CA VAL D 16 -41.85 -26.89 -8.09
C VAL D 16 -41.09 -28.16 -7.71
N GLU D 17 -40.30 -28.70 -8.64
CA GLU D 17 -39.51 -29.88 -8.33
C GLU D 17 -38.49 -29.60 -7.23
N GLN D 18 -37.87 -28.42 -7.28
CA GLN D 18 -36.89 -28.04 -6.26
C GLN D 18 -37.54 -27.94 -4.88
N LEU D 19 -38.69 -27.26 -4.80
CA LEU D 19 -39.37 -27.19 -3.51
C LEU D 19 -39.88 -28.55 -3.05
N LYS D 20 -40.24 -29.44 -3.98
CA LYS D 20 -40.61 -30.80 -3.58
C LYS D 20 -39.43 -31.52 -2.96
N MET D 21 -38.25 -31.39 -3.56
CA MET D 21 -37.05 -32.00 -2.98
C MET D 21 -36.70 -31.35 -1.65
N GLU D 22 -37.01 -30.07 -1.47
CA GLU D 22 -36.72 -29.39 -0.21
C GLU D 22 -37.69 -29.77 0.89
N ALA D 23 -38.93 -30.16 0.53
CA ALA D 23 -39.94 -30.42 1.54
C ALA D 23 -39.62 -31.66 2.36
N ASN D 24 -39.28 -32.77 1.70
CA ASN D 24 -39.01 -34.03 2.41
C ASN D 24 -37.60 -34.00 2.99
N ILE D 25 -37.47 -33.29 4.10
CA ILE D 25 -36.21 -33.13 4.80
C ILE D 25 -36.46 -33.31 6.30
N ASP D 26 -35.69 -34.18 6.93
CA ASP D 26 -35.79 -34.36 8.38
C ASP D 26 -35.27 -33.12 9.09
N ARG D 27 -35.98 -32.70 10.13
CA ARG D 27 -35.62 -31.52 10.90
C ARG D 27 -35.60 -31.86 12.38
N ILE D 28 -34.49 -31.55 13.04
CA ILE D 28 -34.36 -31.76 14.49
C ILE D 28 -35.02 -30.59 15.21
N LYS D 29 -35.20 -30.72 16.51
CA LYS D 29 -35.76 -29.63 17.30
C LYS D 29 -34.74 -28.51 17.44
N VAL D 30 -35.25 -27.27 17.51
CA VAL D 30 -34.38 -26.11 17.61
C VAL D 30 -33.65 -26.10 18.94
N SER D 31 -34.32 -26.56 20.01
CA SER D 31 -33.68 -26.59 21.33
C SER D 31 -32.47 -27.54 21.32
N LYS D 32 -32.62 -28.70 20.68
CA LYS D 32 -31.50 -29.64 20.59
C LYS D 32 -30.34 -29.04 19.79
N ALA D 33 -30.65 -28.35 18.69
CA ALA D 33 -29.60 -27.72 17.90
C ALA D 33 -28.87 -26.65 18.70
N ALA D 34 -29.61 -25.83 19.44
CA ALA D 34 -28.97 -24.81 20.27
C ALA D 34 -28.11 -25.44 21.37
N ALA D 35 -28.60 -26.53 21.95
CA ALA D 35 -27.82 -27.22 22.97
C ALA D 35 -26.52 -27.78 22.40
N ASP D 36 -26.58 -28.38 21.22
CA ASP D 36 -25.36 -28.87 20.58
C ASP D 36 -24.41 -27.73 20.25
N LEU D 37 -24.96 -26.60 19.80
CA LEU D 37 -24.13 -25.46 19.43
C LEU D 37 -23.39 -24.92 20.64
N MET D 38 -24.09 -24.74 21.77
CA MET D 38 -23.42 -24.25 22.97
C MET D 38 -22.47 -25.29 23.55
N ALA D 39 -22.79 -26.59 23.40
CA ALA D 39 -21.88 -27.63 23.84
C ALA D 39 -20.56 -27.57 23.09
N TYR D 40 -20.63 -27.39 21.77
CA TYR D 40 -19.39 -27.23 21.00
C TYR D 40 -18.67 -25.95 21.41
N CYS D 41 -19.40 -24.86 21.61
CA CYS D 41 -18.76 -23.60 21.97
C CYS D 41 -18.04 -23.69 23.32
N GLU D 42 -18.55 -24.52 24.23
CA GLU D 42 -17.91 -24.63 25.54
C GLU D 42 -16.86 -25.74 25.61
N ALA D 43 -16.92 -26.73 24.72
CA ALA D 43 -15.94 -27.81 24.75
C ALA D 43 -14.57 -27.33 24.25
N HIS D 44 -14.54 -26.29 23.42
CA HIS D 44 -13.30 -25.77 22.87
C HIS D 44 -12.94 -24.40 23.43
N ALA D 45 -13.56 -23.98 24.54
CA ALA D 45 -13.35 -22.63 25.05
C ALA D 45 -11.91 -22.42 25.49
N LYS D 46 -11.21 -23.49 25.86
CA LYS D 46 -9.82 -23.36 26.28
C LYS D 46 -8.93 -22.92 25.12
N GLU D 47 -9.16 -23.49 23.94
CA GLU D 47 -8.29 -23.30 22.79
C GLU D 47 -8.75 -22.13 21.92
N ASP D 48 -8.91 -20.96 22.55
CA ASP D 48 -9.29 -19.74 21.85
C ASP D 48 -8.42 -18.60 22.34
N PRO D 49 -7.33 -18.30 21.65
CA PRO D 49 -6.46 -17.20 22.09
C PRO D 49 -7.13 -15.84 22.10
N LEU D 50 -8.21 -15.66 21.34
CA LEU D 50 -8.92 -14.38 21.34
C LEU D 50 -9.89 -14.28 22.51
N LEU D 51 -10.56 -15.38 22.83
CA LEU D 51 -11.43 -15.40 24.01
C LEU D 51 -10.63 -15.27 25.29
N THR D 52 -9.51 -15.98 25.39
CA THR D 52 -8.66 -15.97 26.58
C THR D 52 -7.28 -15.46 26.21
N PRO D 53 -6.97 -14.19 26.48
CA PRO D 53 -5.64 -13.67 26.16
C PRO D 53 -4.54 -14.46 26.86
N VAL D 54 -3.41 -14.60 26.17
CA VAL D 54 -2.27 -15.38 26.66
C VAL D 54 -1.16 -14.42 27.07
N PRO D 55 -0.23 -14.83 27.92
CA PRO D 55 0.88 -13.94 28.27
C PRO D 55 1.80 -13.70 27.08
N ALA D 56 2.77 -12.81 27.29
CA ALA D 56 3.66 -12.38 26.22
C ALA D 56 4.64 -13.46 25.77
N SER D 57 4.54 -14.69 26.27
CA SER D 57 5.41 -15.77 25.81
C SER D 57 4.73 -16.59 24.72
N GLU D 58 3.45 -16.93 24.92
CA GLU D 58 2.69 -17.66 23.90
C GLU D 58 2.32 -16.79 22.70
N ASN D 59 2.48 -15.47 22.82
CA ASN D 59 2.06 -14.55 21.76
C ASN D 59 3.18 -14.39 20.75
N PRO D 60 2.99 -14.81 19.48
CA PRO D 60 4.03 -14.59 18.47
C PRO D 60 4.06 -13.17 17.92
N PHE D 61 3.03 -12.37 18.17
CA PHE D 61 2.99 -10.99 17.70
C PHE D 61 3.46 -10.05 18.82
N ARG D 62 4.76 -10.11 19.07
CA ARG D 62 5.42 -9.31 20.10
C ARG D 62 4.80 -9.54 21.48
N VAL E 2 17.60 -24.61 -16.37
CA VAL E 2 18.50 -23.84 -15.50
C VAL E 2 19.94 -24.23 -15.78
N GLN E 3 20.72 -23.27 -16.29
CA GLN E 3 22.12 -23.49 -16.61
C GLN E 3 22.97 -22.36 -16.04
N LEU E 4 24.07 -22.74 -15.39
CA LEU E 4 25.13 -21.83 -14.99
C LEU E 4 26.42 -22.36 -15.58
N VAL E 5 27.09 -21.56 -16.41
CA VAL E 5 28.29 -22.00 -17.12
C VAL E 5 29.41 -21.03 -16.82
N GLU E 6 30.50 -21.54 -16.27
CA GLU E 6 31.64 -20.73 -15.89
C GLU E 6 32.76 -20.86 -16.92
N SER E 7 33.56 -19.81 -17.06
CA SER E 7 34.63 -19.78 -18.04
C SER E 7 35.67 -18.75 -17.62
N GLY E 8 36.94 -19.07 -17.88
CA GLY E 8 38.00 -18.13 -17.61
C GLY E 8 39.21 -18.73 -16.93
N GLY E 9 39.19 -20.05 -16.71
CA GLY E 9 40.27 -20.71 -16.00
C GLY E 9 41.41 -21.11 -16.91
N GLY E 10 42.47 -21.62 -16.29
CA GLY E 10 43.64 -22.06 -17.01
C GLY E 10 44.88 -21.95 -16.15
N LEU E 11 46.03 -21.94 -16.81
CA LEU E 11 47.32 -21.86 -16.15
C LEU E 11 47.76 -20.40 -16.09
N VAL E 12 48.12 -19.94 -14.89
CA VAL E 12 48.47 -18.54 -14.66
C VAL E 12 49.80 -18.51 -13.90
N GLN E 13 50.71 -17.65 -14.35
CA GLN E 13 51.95 -17.44 -13.62
C GLN E 13 51.65 -16.68 -12.32
N PRO E 14 52.36 -17.01 -11.24
CA PRO E 14 52.06 -16.36 -9.96
C PRO E 14 52.30 -14.85 -10.01
N GLY E 15 51.48 -14.11 -9.27
CA GLY E 15 51.55 -12.68 -9.24
C GLY E 15 50.72 -11.98 -10.30
N GLY E 16 50.12 -12.72 -11.22
CA GLY E 16 49.30 -12.13 -12.27
C GLY E 16 47.87 -11.90 -11.81
N SER E 17 47.03 -11.56 -12.78
CA SER E 17 45.62 -11.28 -12.53
C SER E 17 44.77 -12.00 -13.57
N ARG E 18 43.64 -12.56 -13.13
CA ARG E 18 42.77 -13.29 -14.03
C ARG E 18 41.32 -13.07 -13.63
N LYS E 19 40.44 -13.10 -14.63
CA LYS E 19 39.03 -12.78 -14.47
C LYS E 19 38.20 -13.97 -14.90
N LEU E 20 37.34 -14.45 -14.00
CA LEU E 20 36.43 -15.54 -14.30
C LEU E 20 35.01 -15.00 -14.46
N SER E 21 34.25 -15.64 -15.35
CA SER E 21 32.88 -15.24 -15.64
C SER E 21 31.96 -16.44 -15.47
N CYS E 22 30.70 -16.15 -15.17
CA CYS E 22 29.66 -17.14 -14.96
C CYS E 22 28.40 -16.63 -15.64
N SER E 23 27.96 -17.33 -16.68
CA SER E 23 26.79 -16.93 -17.46
C SER E 23 25.62 -17.82 -17.09
N ALA E 24 24.48 -17.18 -16.82
CA ALA E 24 23.28 -17.85 -16.37
C ALA E 24 22.21 -17.79 -17.44
N SER E 25 21.48 -18.90 -17.61
CA SER E 25 20.39 -18.93 -18.57
C SER E 25 19.32 -19.89 -18.09
N GLY E 26 18.07 -19.44 -18.08
CA GLY E 26 16.96 -20.27 -17.69
C GLY E 26 16.31 -19.93 -16.36
N PHE E 27 16.64 -18.79 -15.75
CA PHE E 27 15.99 -18.38 -14.52
C PHE E 27 16.14 -16.87 -14.38
N ALA E 28 15.36 -16.30 -13.46
CA ALA E 28 15.39 -14.86 -13.21
C ALA E 28 16.66 -14.49 -12.46
N PHE E 29 17.70 -14.12 -13.21
CA PHE E 29 19.02 -13.93 -12.62
C PHE E 29 19.05 -12.78 -11.62
N SER E 30 18.28 -11.71 -11.86
CA SER E 30 18.37 -10.53 -11.02
C SER E 30 17.79 -10.73 -9.63
N SER E 31 16.96 -11.76 -9.44
CA SER E 31 16.31 -12.01 -8.15
C SER E 31 17.13 -12.89 -7.23
N PHE E 32 18.29 -13.38 -7.68
CA PHE E 32 19.10 -14.31 -6.92
C PHE E 32 20.40 -13.64 -6.49
N GLY E 33 20.80 -13.90 -5.25
CA GLY E 33 22.16 -13.62 -4.84
C GLY E 33 23.09 -14.72 -5.30
N MET E 34 24.37 -14.39 -5.41
CA MET E 34 25.34 -15.31 -5.99
C MET E 34 26.55 -15.48 -5.08
N HIS E 35 27.14 -16.67 -5.15
CA HIS E 35 28.31 -17.06 -4.37
C HIS E 35 29.36 -17.63 -5.30
N TRP E 36 30.62 -17.35 -4.98
CA TRP E 36 31.77 -18.08 -5.53
C TRP E 36 32.33 -18.96 -4.42
N VAL E 37 32.48 -20.26 -4.71
CA VAL E 37 32.98 -21.24 -3.77
C VAL E 37 34.05 -22.09 -4.46
N ARG E 38 35.21 -22.22 -3.83
CA ARG E 38 36.32 -22.92 -4.47
C ARG E 38 36.64 -24.23 -3.76
N GLN E 39 37.16 -25.19 -4.52
CA GLN E 39 37.57 -26.48 -3.99
C GLN E 39 39.00 -26.76 -4.42
N ALA E 40 39.89 -26.96 -3.45
CA ALA E 40 41.27 -27.25 -3.73
C ALA E 40 41.42 -28.72 -4.18
N PRO E 41 42.43 -29.03 -4.98
CA PRO E 41 42.62 -30.42 -5.44
C PRO E 41 42.81 -31.36 -4.27
N GLU E 42 41.88 -32.30 -4.13
CA GLU E 42 41.82 -33.34 -3.10
C GLU E 42 41.46 -32.81 -1.72
N LYS E 43 41.06 -31.55 -1.60
CA LYS E 43 40.64 -30.99 -0.33
C LYS E 43 39.13 -30.73 -0.35
N GLY E 44 38.63 -30.12 0.72
CA GLY E 44 37.22 -29.84 0.87
C GLY E 44 36.81 -28.55 0.19
N LEU E 45 35.64 -28.06 0.58
CA LEU E 45 35.05 -26.87 -0.03
C LEU E 45 35.35 -25.64 0.80
N GLU E 46 35.57 -24.52 0.12
CA GLU E 46 35.88 -23.25 0.75
C GLU E 46 35.00 -22.15 0.16
N TRP E 47 34.33 -21.39 1.01
CA TRP E 47 33.54 -20.26 0.54
C TRP E 47 34.45 -19.08 0.26
N VAL E 48 34.21 -18.40 -0.86
CA VAL E 48 35.09 -17.34 -1.36
C VAL E 48 34.41 -15.98 -1.31
N ALA E 49 33.26 -15.83 -1.98
CA ALA E 49 32.67 -14.49 -2.07
C ALA E 49 31.17 -14.58 -2.26
N TYR E 50 30.50 -13.47 -1.93
CA TYR E 50 29.05 -13.37 -2.05
C TYR E 50 28.63 -11.97 -2.46
N ILE E 51 27.71 -11.88 -3.43
CA ILE E 51 27.09 -10.63 -3.82
C ILE E 51 25.57 -10.81 -3.79
N SER E 52 24.87 -9.82 -3.22
CA SER E 52 23.44 -9.94 -3.02
C SER E 52 22.66 -9.50 -4.25
N SER E 53 21.35 -9.70 -4.20
CA SER E 53 20.48 -9.24 -5.27
C SER E 53 20.31 -7.73 -5.16
N GLY E 54 20.59 -7.02 -6.26
CA GLY E 54 20.66 -5.58 -6.24
C GLY E 54 22.03 -5.01 -5.96
N SER E 55 23.02 -5.87 -5.72
CA SER E 55 24.41 -5.44 -5.50
C SER E 55 24.56 -4.49 -4.33
N GLY E 56 23.71 -4.63 -3.32
CA GLY E 56 23.79 -3.78 -2.15
C GLY E 56 24.54 -4.37 -0.97
N THR E 57 25.03 -5.60 -1.10
CA THR E 57 25.75 -6.25 -0.01
C THR E 57 26.78 -7.19 -0.63
N ILE E 58 28.02 -7.08 -0.16
CA ILE E 58 29.12 -7.90 -0.69
C ILE E 58 29.94 -8.41 0.49
N TYR E 59 30.26 -9.70 0.46
CA TYR E 59 31.06 -10.32 1.51
C TYR E 59 32.21 -11.09 0.91
N TYR E 60 33.37 -11.01 1.55
CA TYR E 60 34.57 -11.72 1.14
C TYR E 60 35.13 -12.52 2.30
N ALA E 61 35.82 -13.62 1.97
CA ALA E 61 36.57 -14.34 2.98
C ALA E 61 37.83 -13.56 3.36
N ASP E 62 38.36 -13.87 4.53
CA ASP E 62 39.54 -13.15 5.01
C ASP E 62 40.79 -13.46 4.19
N THR E 63 40.84 -14.64 3.58
CA THR E 63 42.03 -15.04 2.83
C THR E 63 42.05 -14.51 1.41
N VAL E 64 41.02 -13.77 0.98
CA VAL E 64 40.97 -13.25 -0.38
C VAL E 64 40.63 -11.77 -0.34
N LYS E 65 40.54 -11.20 0.86
CA LYS E 65 40.19 -9.79 1.01
C LYS E 65 41.26 -8.91 0.37
N GLY E 66 40.81 -7.93 -0.38
CA GLY E 66 41.72 -7.00 -1.06
C GLY E 66 42.09 -7.36 -2.49
N ARG E 67 42.58 -8.58 -2.70
CA ARG E 67 43.05 -9.00 -4.02
C ARG E 67 41.96 -9.66 -4.86
N PHE E 68 40.76 -9.84 -4.32
CA PHE E 68 39.64 -10.40 -5.06
C PHE E 68 38.51 -9.38 -5.08
N THR E 69 37.78 -9.32 -6.20
CA THR E 69 36.60 -8.48 -6.27
C THR E 69 35.51 -9.19 -7.08
N ILE E 70 34.29 -9.15 -6.55
CA ILE E 70 33.14 -9.80 -7.17
C ILE E 70 32.17 -8.74 -7.66
N SER E 71 31.51 -9.03 -8.79
CA SER E 71 30.51 -8.10 -9.30
C SER E 71 29.60 -8.85 -10.27
N ARG E 72 28.53 -8.19 -10.66
CA ARG E 72 27.53 -8.77 -11.55
C ARG E 72 27.07 -7.74 -12.55
N ASP E 73 26.61 -8.21 -13.70
CA ASP E 73 25.94 -7.40 -14.71
C ASP E 73 24.65 -8.11 -15.05
N ASP E 74 23.53 -7.47 -14.72
CA ASP E 74 22.21 -8.10 -14.77
C ASP E 74 21.64 -8.20 -16.18
N PRO E 75 21.75 -7.17 -17.04
CA PRO E 75 21.19 -7.31 -18.40
C PRO E 75 21.76 -8.49 -19.18
N LYS E 76 23.05 -8.77 -19.05
CA LYS E 76 23.67 -9.91 -19.72
C LYS E 76 23.62 -11.17 -18.89
N ASN E 77 23.11 -11.11 -17.65
CA ASN E 77 23.02 -12.28 -16.78
C ASN E 77 24.40 -12.88 -16.53
N THR E 78 25.35 -12.03 -16.11
CA THR E 78 26.74 -12.45 -16.02
C THR E 78 27.33 -12.04 -14.69
N LEU E 79 27.70 -13.01 -13.87
CA LEU E 79 28.48 -12.77 -12.67
C LEU E 79 29.96 -12.91 -13.02
N PHE E 80 30.81 -12.19 -12.30
CA PHE E 80 32.24 -12.35 -12.55
C PHE E 80 33.08 -11.92 -11.38
N LEU E 81 34.32 -12.41 -11.38
CA LEU E 81 35.26 -12.28 -10.27
C LEU E 81 36.64 -11.98 -10.83
N GLN E 82 37.22 -10.87 -10.38
CA GLN E 82 38.54 -10.42 -10.80
C GLN E 82 39.52 -10.70 -9.67
N MET E 83 40.65 -11.33 -10.01
CA MET E 83 41.64 -11.74 -9.01
C MET E 83 43.00 -11.16 -9.37
N THR E 84 43.66 -10.56 -8.38
CA THR E 84 45.01 -10.03 -8.52
C THR E 84 45.91 -10.68 -7.48
N SER E 85 47.22 -10.55 -7.70
CA SER E 85 48.24 -11.06 -6.77
C SER E 85 48.01 -12.54 -6.48
N LEU E 86 47.93 -13.34 -7.54
CA LEU E 86 47.64 -14.76 -7.42
C LEU E 86 48.73 -15.47 -6.62
N ARG E 87 48.38 -15.94 -5.42
CA ARG E 87 49.31 -16.69 -4.58
C ARG E 87 49.31 -18.14 -5.03
N SER E 88 49.95 -19.01 -4.25
CA SER E 88 50.05 -20.43 -4.59
C SER E 88 48.93 -21.26 -3.99
N GLU E 89 48.17 -20.72 -3.05
CA GLU E 89 47.03 -21.41 -2.47
C GLU E 89 45.74 -21.19 -3.26
N ASP E 90 45.82 -20.48 -4.39
CA ASP E 90 44.66 -20.20 -5.22
C ASP E 90 44.57 -21.13 -6.42
N THR E 91 45.08 -22.35 -6.31
CA THR E 91 44.90 -23.39 -7.32
C THR E 91 43.70 -24.23 -6.91
N ALA E 92 42.63 -24.17 -7.69
CA ALA E 92 41.38 -24.80 -7.26
C ALA E 92 40.39 -24.78 -8.41
N MET E 93 39.29 -25.49 -8.22
CA MET E 93 38.16 -25.44 -9.13
C MET E 93 37.09 -24.55 -8.51
N TYR E 94 36.66 -23.55 -9.26
CA TYR E 94 35.74 -22.52 -8.78
C TYR E 94 34.33 -22.81 -9.25
N TYR E 95 33.38 -22.61 -8.35
CA TYR E 95 31.97 -22.93 -8.55
C TYR E 95 31.13 -21.67 -8.35
N CYS E 96 30.15 -21.52 -9.23
CA CYS E 96 29.20 -20.41 -9.22
C CYS E 96 27.88 -20.95 -8.66
N VAL E 97 27.37 -20.34 -7.59
CA VAL E 97 26.22 -20.87 -6.87
C VAL E 97 25.17 -19.78 -6.72
N ARG E 98 23.90 -20.14 -6.89
CA ARG E 98 22.79 -19.21 -6.74
C ARG E 98 22.04 -19.49 -5.44
N SER E 99 21.50 -18.42 -4.85
CA SER E 99 20.75 -18.57 -3.61
C SER E 99 19.79 -17.40 -3.46
N ILE E 100 18.57 -17.70 -3.02
CA ILE E 100 17.52 -16.71 -2.86
C ILE E 100 16.97 -16.80 -1.43
N TYR E 101 16.71 -15.65 -0.82
CA TYR E 101 16.35 -15.58 0.60
C TYR E 101 15.00 -14.91 0.79
N TYR E 102 14.00 -15.70 1.16
CA TYR E 102 12.76 -15.20 1.73
C TYR E 102 12.24 -16.27 2.68
N TYR E 103 11.07 -16.03 3.25
CA TYR E 103 10.51 -16.99 4.20
C TYR E 103 10.17 -18.30 3.48
N GLY E 104 10.78 -19.39 3.93
CA GLY E 104 10.51 -20.70 3.36
C GLY E 104 11.25 -21.03 2.09
N SER E 105 12.26 -20.25 1.72
CA SER E 105 13.04 -20.53 0.52
C SER E 105 14.17 -21.51 0.82
N SER E 106 14.76 -22.05 -0.24
CA SER E 106 15.86 -23.00 -0.13
C SER E 106 17.10 -22.43 -0.80
N PRO E 107 18.03 -21.85 -0.05
CA PRO E 107 19.24 -21.30 -0.67
C PRO E 107 20.22 -22.38 -1.08
N PHE E 108 21.21 -21.98 -1.88
CA PHE E 108 22.31 -22.85 -2.31
C PHE E 108 21.81 -24.06 -3.08
N ASP E 109 20.77 -23.90 -3.89
CA ASP E 109 20.08 -25.05 -4.45
C ASP E 109 20.62 -25.49 -5.81
N PHE E 110 21.34 -24.63 -6.53
CA PHE E 110 21.89 -25.03 -7.83
C PHE E 110 23.33 -24.59 -7.93
N TRP E 111 24.22 -25.53 -8.30
CA TRP E 111 25.64 -25.27 -8.44
C TRP E 111 26.05 -25.36 -9.90
N GLY E 112 27.00 -24.51 -10.28
CA GLY E 112 27.53 -24.52 -11.63
C GLY E 112 28.44 -25.72 -11.86
N GLN E 113 29.23 -25.63 -12.93
CA GLN E 113 30.13 -26.72 -13.29
C GLN E 113 31.54 -26.48 -12.80
N GLY E 114 31.98 -25.23 -12.75
CA GLY E 114 33.27 -24.88 -12.18
C GLY E 114 34.36 -24.83 -13.22
N THR E 115 35.35 -23.96 -12.97
CA THR E 115 36.51 -23.84 -13.84
C THR E 115 37.78 -24.03 -13.04
N THR E 116 38.77 -24.65 -13.66
CA THR E 116 40.03 -24.95 -13.00
C THR E 116 41.00 -23.80 -13.18
N LEU E 117 41.50 -23.27 -12.07
CA LEU E 117 42.58 -22.29 -12.07
C LEU E 117 43.81 -22.94 -11.45
N THR E 118 44.92 -22.92 -12.18
CA THR E 118 46.16 -23.51 -11.71
C THR E 118 47.27 -22.47 -11.80
N VAL E 119 47.92 -22.20 -10.67
CA VAL E 119 49.07 -21.32 -10.60
C VAL E 119 50.29 -22.14 -10.20
N SER E 120 51.38 -21.95 -10.93
CA SER E 120 52.58 -22.74 -10.73
C SER E 120 53.57 -22.02 -9.82
N SER E 121 54.37 -22.80 -9.11
CA SER E 121 55.37 -22.26 -8.20
C SER E 121 56.45 -23.30 -7.90
N SER E 136 36.35 -16.49 10.57
CA SER E 136 35.99 -17.91 10.61
C SER E 136 35.81 -18.37 12.04
N ASP E 137 35.00 -17.63 12.79
CA ASP E 137 34.85 -17.88 14.22
C ASP E 137 34.12 -19.18 14.52
N ILE E 138 33.50 -19.82 13.54
CA ILE E 138 32.77 -21.07 13.72
C ILE E 138 33.52 -22.18 13.03
N VAL E 139 33.72 -23.29 13.72
CA VAL E 139 34.44 -24.44 13.21
C VAL E 139 33.48 -25.62 13.12
N MET E 140 33.42 -26.24 11.95
CA MET E 140 32.60 -27.43 11.72
C MET E 140 33.53 -28.63 11.63
N THR E 141 33.31 -29.62 12.49
CA THR E 141 34.20 -30.78 12.61
C THR E 141 33.44 -32.03 12.24
N GLN E 142 33.58 -32.46 10.98
CA GLN E 142 32.99 -33.70 10.51
C GLN E 142 34.04 -34.79 10.66
N ALA E 143 33.87 -35.65 11.67
CA ALA E 143 34.99 -36.42 12.20
C ALA E 143 35.46 -37.49 11.22
N THR E 144 34.54 -38.28 10.68
CA THR E 144 34.93 -39.49 9.96
C THR E 144 35.34 -39.16 8.53
N SER E 145 36.41 -39.82 8.07
CA SER E 145 36.87 -39.65 6.71
C SER E 145 36.10 -40.52 5.73
N SER E 146 36.16 -41.84 5.90
CA SER E 146 35.57 -42.77 4.95
C SER E 146 34.83 -43.88 5.68
N VAL E 147 33.75 -44.36 5.08
CA VAL E 147 32.92 -45.44 5.64
C VAL E 147 32.51 -46.39 4.53
N PRO E 148 33.11 -47.58 4.43
CA PRO E 148 32.56 -48.62 3.55
C PRO E 148 31.12 -48.91 3.91
N VAL E 149 30.28 -49.09 2.89
CA VAL E 149 28.85 -49.33 3.06
C VAL E 149 28.43 -50.47 2.13
N THR E 150 27.20 -50.92 2.30
CA THR E 150 26.58 -51.93 1.45
C THR E 150 25.20 -51.48 1.04
N PRO E 151 24.77 -51.79 -0.19
CA PRO E 151 23.41 -51.42 -0.60
C PRO E 151 22.37 -52.05 0.30
N GLY E 152 21.29 -51.32 0.53
CA GLY E 152 20.24 -51.77 1.42
C GLY E 152 20.51 -51.58 2.89
N GLU E 153 21.56 -50.84 3.24
CA GLU E 153 21.92 -50.61 4.63
C GLU E 153 21.60 -49.18 5.04
N SER E 154 21.30 -49.02 6.32
CA SER E 154 21.10 -47.69 6.90
C SER E 154 22.44 -47.09 7.30
N VAL E 155 22.64 -45.82 6.96
CA VAL E 155 23.89 -45.13 7.21
C VAL E 155 23.57 -43.84 7.97
N SER E 156 24.53 -43.39 8.76
CA SER E 156 24.35 -42.18 9.58
C SER E 156 25.66 -41.40 9.60
N ILE E 157 25.68 -40.26 8.94
CA ILE E 157 26.80 -39.34 8.98
C ILE E 157 26.53 -38.31 10.08
N SER E 158 27.59 -37.83 10.73
CA SER E 158 27.45 -36.89 11.82
C SER E 158 28.30 -35.65 11.58
N CYS E 159 27.85 -34.53 12.12
CA CYS E 159 28.55 -33.26 12.03
C CYS E 159 28.44 -32.54 13.37
N ARG E 160 29.48 -31.78 13.70
CA ARG E 160 29.58 -31.10 14.99
C ARG E 160 29.98 -29.65 14.77
N SER E 161 29.43 -28.76 15.58
CA SER E 161 29.71 -27.33 15.48
C SER E 161 30.20 -26.80 16.80
N SER E 162 31.15 -25.85 16.74
CA SER E 162 31.66 -25.25 17.97
C SER E 162 30.61 -24.39 18.65
N LYS E 163 29.94 -23.53 17.89
CA LYS E 163 28.86 -22.70 18.41
C LYS E 163 27.51 -23.35 18.15
N SER E 164 26.51 -22.93 18.92
CA SER E 164 25.16 -23.42 18.73
C SER E 164 24.54 -22.76 17.51
N LEU E 165 23.94 -23.57 16.63
CA LEU E 165 23.35 -23.08 15.40
C LEU E 165 21.90 -22.63 15.57
N LEU E 166 21.29 -22.91 16.71
CA LEU E 166 19.96 -22.36 16.99
C LEU E 166 20.01 -20.84 17.10
N HIS E 167 19.02 -20.19 16.52
CA HIS E 167 18.86 -18.75 16.62
C HIS E 167 17.63 -18.43 17.46
N SER E 168 17.51 -17.16 17.83
CA SER E 168 16.39 -16.71 18.66
C SER E 168 15.04 -16.92 17.99
N ASN E 169 15.01 -17.00 16.66
CA ASN E 169 13.77 -17.11 15.92
C ASN E 169 13.33 -18.55 15.67
N GLY E 170 14.05 -19.53 16.22
CA GLY E 170 13.65 -20.92 16.14
C GLY E 170 14.30 -21.72 15.04
N ASN E 171 15.10 -21.09 14.19
CA ASN E 171 15.71 -21.78 13.07
C ASN E 171 17.08 -22.34 13.45
N THR E 172 17.46 -23.43 12.79
CA THR E 172 18.79 -24.02 12.92
C THR E 172 19.41 -24.05 11.54
N TYR E 173 20.48 -23.28 11.33
CA TYR E 173 21.02 -23.02 10.00
C TYR E 173 22.12 -24.03 9.70
N LEU E 174 21.71 -25.23 9.35
CA LEU E 174 22.63 -26.28 8.91
C LEU E 174 22.17 -26.85 7.58
N TYR E 175 23.11 -27.05 6.67
CA TYR E 175 22.82 -27.56 5.33
C TYR E 175 23.68 -28.77 5.05
N TRP E 176 23.18 -29.65 4.18
CA TRP E 176 23.87 -30.88 3.80
C TRP E 176 24.03 -30.94 2.30
N PHE E 177 25.25 -31.22 1.84
CA PHE E 177 25.56 -31.32 0.42
C PHE E 177 26.17 -32.68 0.11
N LEU E 178 25.87 -33.19 -1.08
CA LEU E 178 26.46 -34.43 -1.57
C LEU E 178 27.19 -34.14 -2.87
N GLN E 179 28.43 -34.61 -2.97
CA GLN E 179 29.22 -34.50 -4.18
C GLN E 179 29.51 -35.90 -4.71
N ARG E 180 28.94 -36.22 -5.86
CA ARG E 180 29.26 -37.46 -6.52
C ARG E 180 30.62 -37.36 -7.20
N PRO E 181 31.30 -38.49 -7.42
CA PRO E 181 32.59 -38.44 -8.11
C PRO E 181 32.49 -37.85 -9.50
N GLY E 182 33.13 -36.70 -9.70
CA GLY E 182 33.20 -36.09 -11.01
C GLY E 182 32.11 -35.09 -11.34
N GLN E 183 31.37 -34.60 -10.35
CA GLN E 183 30.30 -33.65 -10.60
C GLN E 183 30.30 -32.58 -9.52
N SER E 184 29.42 -31.59 -9.71
CA SER E 184 29.25 -30.53 -8.74
C SER E 184 28.46 -31.02 -7.54
N PRO E 185 28.61 -30.37 -6.39
CA PRO E 185 27.75 -30.70 -5.24
C PRO E 185 26.32 -30.30 -5.50
N GLN E 186 25.40 -30.94 -4.79
CA GLN E 186 24.00 -30.56 -4.83
C GLN E 186 23.41 -30.58 -3.44
N LEU E 187 22.44 -29.70 -3.21
CA LEU E 187 21.79 -29.59 -1.92
C LEU E 187 20.93 -30.82 -1.64
N LEU E 188 20.97 -31.28 -0.39
CA LEU E 188 20.11 -32.36 0.08
C LEU E 188 19.14 -31.91 1.16
N ILE E 189 19.65 -31.26 2.20
CA ILE E 189 18.84 -30.83 3.35
C ILE E 189 19.22 -29.39 3.66
N TYR E 190 18.21 -28.55 3.88
CA TYR E 190 18.44 -27.16 4.26
C TYR E 190 17.74 -26.86 5.58
N ARG E 191 18.41 -26.08 6.43
CA ARG E 191 17.92 -25.75 7.77
C ARG E 191 17.62 -27.00 8.58
N MET E 192 18.46 -28.02 8.38
CA MET E 192 18.64 -29.17 9.27
C MET E 192 17.50 -30.19 9.24
N SER E 193 16.35 -29.84 8.68
CA SER E 193 15.29 -30.84 8.59
C SER E 193 14.43 -30.76 7.33
N ASN E 194 14.72 -29.85 6.40
CA ASN E 194 13.87 -29.64 5.23
C ASN E 194 14.50 -30.34 4.04
N LEU E 195 13.82 -31.37 3.53
CA LEU E 195 14.29 -32.07 2.36
C LEU E 195 14.20 -31.16 1.13
N ALA E 196 15.24 -31.20 0.30
CA ALA E 196 15.28 -30.35 -0.87
C ALA E 196 14.32 -30.86 -1.95
N SER E 197 14.17 -30.07 -3.00
CA SER E 197 13.27 -30.41 -4.09
C SER E 197 13.96 -31.32 -5.09
N GLY E 198 13.34 -32.45 -5.38
CA GLY E 198 13.96 -33.44 -6.24
C GLY E 198 14.91 -34.36 -5.55
N VAL E 199 14.71 -34.61 -4.26
CA VAL E 199 15.57 -35.49 -3.47
C VAL E 199 14.70 -36.56 -2.83
N PRO E 200 15.06 -37.83 -2.96
CA PRO E 200 14.21 -38.91 -2.44
C PRO E 200 14.08 -38.85 -0.93
N ASP E 201 12.96 -39.40 -0.44
CA ASP E 201 12.68 -39.39 1.00
C ASP E 201 13.61 -40.31 1.77
N ARG E 202 14.50 -41.03 1.08
CA ARG E 202 15.47 -41.89 1.76
C ARG E 202 16.34 -41.08 2.70
N PHE E 203 16.81 -39.91 2.25
CA PHE E 203 17.61 -39.05 3.10
C PHE E 203 16.73 -38.37 4.16
N SER E 204 17.31 -38.17 5.35
CA SER E 204 16.63 -37.43 6.40
C SER E 204 17.70 -36.79 7.27
N GLY E 205 17.32 -35.77 8.02
CA GLY E 205 18.27 -35.05 8.85
C GLY E 205 17.65 -34.68 10.18
N SER E 206 18.49 -34.64 11.20
CA SER E 206 18.06 -34.26 12.54
C SER E 206 19.26 -33.76 13.31
N GLY E 207 19.00 -33.26 14.52
CA GLY E 207 20.08 -32.80 15.37
C GLY E 207 19.57 -31.84 16.42
N SER E 208 20.52 -31.24 17.13
CA SER E 208 20.20 -30.32 18.21
C SER E 208 21.41 -29.44 18.49
N GLY E 209 21.26 -28.13 18.28
CA GLY E 209 22.16 -27.15 18.86
C GLY E 209 23.56 -27.17 18.28
N THR E 210 24.29 -28.25 18.58
CA THR E 210 25.68 -28.38 18.17
C THR E 210 26.01 -29.75 17.61
N ALA E 211 25.07 -30.70 17.59
CA ALA E 211 25.35 -32.03 17.08
C ALA E 211 24.25 -32.43 16.11
N PHE E 212 24.62 -32.81 14.89
CA PHE E 212 23.65 -33.07 13.84
C PHE E 212 24.00 -34.37 13.13
N THR E 213 23.00 -34.95 12.47
CA THR E 213 23.16 -36.23 11.81
C THR E 213 22.28 -36.31 10.58
N LEU E 214 22.80 -36.96 9.55
CA LEU E 214 22.09 -37.27 8.31
C LEU E 214 21.95 -38.79 8.22
N THR E 215 20.72 -39.25 8.07
CA THR E 215 20.40 -40.68 8.10
C THR E 215 19.83 -41.10 6.74
N ILE E 216 20.32 -42.23 6.24
CA ILE E 216 19.87 -42.80 4.98
C ILE E 216 19.35 -44.19 5.27
N SER E 217 18.12 -44.48 4.84
CA SER E 217 17.47 -45.74 5.20
C SER E 217 17.99 -46.89 4.34
N ARG E 218 17.79 -46.82 3.03
CA ARG E 218 18.36 -47.78 2.10
C ARG E 218 19.32 -47.01 1.17
N LEU E 219 20.35 -47.70 0.72
CA LEU E 219 21.42 -47.06 -0.05
C LEU E 219 21.54 -47.70 -1.42
N GLU E 220 21.83 -46.88 -2.42
CA GLU E 220 21.95 -47.33 -3.81
C GLU E 220 23.30 -46.91 -4.36
N ALA E 221 23.59 -47.39 -5.58
CA ALA E 221 24.89 -47.16 -6.20
C ALA E 221 25.16 -45.69 -6.45
N GLU E 222 24.13 -44.87 -6.63
CA GLU E 222 24.30 -43.45 -6.90
C GLU E 222 24.32 -42.61 -5.64
N ASP E 223 24.40 -43.23 -4.47
CA ASP E 223 24.52 -42.51 -3.21
C ASP E 223 25.96 -42.33 -2.75
N VAL E 224 26.93 -42.86 -3.49
CA VAL E 224 28.33 -42.85 -3.05
C VAL E 224 28.96 -41.53 -3.47
N GLY E 225 29.69 -40.92 -2.54
CA GLY E 225 30.28 -39.63 -2.77
C GLY E 225 30.79 -39.06 -1.46
N VAL E 226 31.01 -37.75 -1.46
CA VAL E 226 31.49 -37.05 -0.28
C VAL E 226 30.36 -36.18 0.25
N TYR E 227 30.14 -36.23 1.56
CA TYR E 227 29.05 -35.50 2.20
C TYR E 227 29.63 -34.36 3.04
N TYR E 228 29.08 -33.17 2.84
CA TYR E 228 29.53 -31.96 3.53
C TYR E 228 28.40 -31.38 4.35
N CYS E 229 28.73 -30.91 5.55
CA CYS E 229 27.82 -30.08 6.32
C CYS E 229 28.26 -28.62 6.19
N MET E 230 27.31 -27.71 6.33
CA MET E 230 27.59 -26.29 6.20
C MET E 230 26.76 -25.51 7.20
N GLN E 231 27.33 -24.42 7.71
CA GLN E 231 26.62 -23.50 8.58
C GLN E 231 26.38 -22.18 7.85
N HIS E 232 25.18 -21.63 8.03
CA HIS E 232 24.81 -20.36 7.42
C HIS E 232 24.37 -19.35 8.49
N LEU E 233 24.87 -19.51 9.70
CA LEU E 233 24.44 -18.65 10.80
C LEU E 233 25.09 -17.27 10.75
N GLU E 234 26.36 -17.18 10.38
CA GLU E 234 27.10 -15.94 10.59
C GLU E 234 27.89 -15.46 9.36
N TYR E 235 28.74 -14.47 9.59
CA TYR E 235 29.35 -13.70 8.50
C TYR E 235 30.16 -14.58 7.54
N PRO E 236 31.12 -15.40 7.98
CA PRO E 236 31.77 -16.31 7.03
C PRO E 236 31.11 -17.69 7.05
N LEU E 237 30.96 -18.26 5.87
CA LEU E 237 30.36 -19.59 5.73
C LEU E 237 31.48 -20.63 5.73
N THR E 238 31.39 -21.57 6.66
CA THR E 238 32.42 -22.60 6.84
C THR E 238 31.80 -23.97 6.63
N PHE E 239 32.51 -24.82 5.89
CA PHE E 239 31.99 -26.15 5.54
C PHE E 239 32.47 -27.23 6.49
N GLY E 240 33.78 -27.45 6.57
CA GLY E 240 34.27 -28.61 7.28
C GLY E 240 34.55 -29.75 6.31
N ALA E 241 35.63 -30.50 6.56
CA ALA E 241 36.04 -31.53 5.62
C ALA E 241 34.97 -32.61 5.47
N GLY E 242 34.86 -33.13 4.25
CA GLY E 242 33.78 -34.04 3.94
C GLY E 242 34.04 -35.45 4.44
N THR E 243 32.96 -36.23 4.46
CA THR E 243 32.99 -37.64 4.85
C THR E 243 32.79 -38.48 3.60
N LYS E 244 33.86 -39.11 3.12
CA LYS E 244 33.74 -40.04 2.01
C LYS E 244 32.88 -41.22 2.42
N LEU E 245 32.08 -41.72 1.48
CA LEU E 245 31.18 -42.85 1.71
C LEU E 245 31.37 -43.82 0.55
N GLU E 246 32.32 -44.73 0.71
CA GLU E 246 32.60 -45.74 -0.29
C GLU E 246 31.89 -47.04 0.08
N LEU E 247 32.11 -48.07 -0.72
CA LEU E 247 31.45 -49.35 -0.51
C LEU E 247 32.39 -50.53 -0.75
N FME F 1 21.08 35.96 9.06
CN FME F 1 22.00 36.34 8.12
O1 FME F 1 23.06 35.72 7.91
CA FME F 1 19.85 36.66 9.29
CB FME F 1 18.63 35.74 9.35
CG FME F 1 17.42 36.40 8.74
SD FME F 1 17.76 36.62 7.02
CE FME F 1 16.62 35.52 6.29
C FME F 1 19.86 37.46 10.60
O FME F 1 19.48 38.63 10.68
N ILE F 2 20.32 36.79 11.64
CA ILE F 2 20.40 37.39 12.97
C ILE F 2 21.38 38.56 12.96
N PHE F 3 21.08 39.58 13.75
CA PHE F 3 21.92 40.78 13.84
C PHE F 3 22.52 40.81 15.25
N LEU F 4 23.70 40.24 15.38
CA LEU F 4 24.38 40.16 16.67
C LEU F 4 24.93 41.52 17.10
C1 CLR G . 16.79 21.78 -10.70
C2 CLR G . 16.49 20.48 -11.44
C3 CLR G . 17.00 19.22 -10.75
C4 CLR G . 17.60 19.55 -9.38
C5 CLR G . 16.78 20.55 -8.61
C6 CLR G . 16.64 20.41 -7.29
C7 CLR G . 16.80 21.62 -6.39
C8 CLR G . 16.06 22.76 -7.05
C9 CLR G . 16.54 22.97 -8.49
C10 CLR G . 16.18 21.75 -9.31
C11 CLR G . 15.94 24.25 -9.09
C12 CLR G . 16.06 25.49 -8.19
C13 CLR G . 15.47 25.21 -6.83
C14 CLR G . 16.24 24.04 -6.26
C15 CLR G . 15.86 23.99 -4.79
C16 CLR G . 15.70 25.46 -4.42
C17 CLR G . 15.66 26.26 -5.73
C18 CLR G . 13.98 24.89 -6.97
C19 CLR G . 14.65 21.66 -9.43
C20 CLR G . 14.61 27.35 -5.61
C21 CLR G . 14.97 28.60 -6.41
C22 CLR G . 14.41 27.68 -4.14
C23 CLR G . 13.71 29.01 -3.90
C24 CLR G . 14.33 29.76 -2.73
C25 CLR G . 15.05 31.01 -3.20
C26 CLR G . 14.50 32.26 -2.53
C27 CLR G . 16.56 30.92 -2.98
O1 CLR G . 15.92 18.30 -10.57
C1 CLR H . 10.21 14.94 4.98
C2 CLR H . 9.40 13.67 4.72
C3 CLR H . 9.78 12.94 3.44
C4 CLR H . 10.97 13.60 2.73
C5 CLR H . 12.06 14.01 3.70
C6 CLR H . 13.35 13.86 3.37
C7 CLR H . 14.33 14.96 3.66
C8 CLR H . 14.01 15.57 5.02
C9 CLR H . 12.52 15.88 5.20
C10 CLR H . 11.70 14.62 5.02
C11 CLR H . 12.26 16.51 6.57
C12 CLR H . 13.26 17.58 7.02
C13 CLR H . 14.70 17.17 6.76
C14 CLR H . 14.76 16.85 5.28
C15 CLR H . 16.23 16.90 4.89
C16 CLR H . 16.82 17.92 5.84
C17 CLR H . 15.78 18.23 6.92
C18 CLR H . 15.09 15.96 7.61
C19 CLR H . 12.02 13.65 6.14
C20 CLR H . 16.42 18.28 8.30
C21 CLR H . 15.75 19.28 9.21
C22 CLR H . 17.91 18.60 8.20
C23 CLR H . 18.20 19.98 8.76
C24 CLR H . 19.40 19.99 9.71
C25 CLR H . 19.05 20.79 10.96
C26 CLR H . 18.74 19.87 12.13
C27 CLR H . 20.17 21.76 11.31
O1 CLR H . 10.10 11.57 3.75
C1 CLR I . 9.38 12.63 11.40
C2 CLR I . 8.85 13.00 10.03
C3 CLR I . 9.38 12.13 8.91
C4 CLR I . 10.75 11.56 9.27
C5 CLR I . 11.48 12.51 10.17
C6 CLR I . 12.66 13.04 9.78
C7 CLR I . 13.04 14.44 10.17
C8 CLR I . 12.66 14.60 11.63
C9 CLR I . 11.17 14.33 11.82
C10 CLR I . 10.88 12.88 11.50
C11 CLR I . 10.72 14.67 13.25
C12 CLR I . 11.29 15.96 13.85
C13 CLR I . 12.80 16.05 13.64
C14 CLR I . 13.01 15.99 12.15
C15 CLR I . 14.42 16.49 11.92
C16 CLR I . 14.64 17.50 13.05
C17 CLR I . 13.47 17.36 14.03
C18 CLR I . 13.53 14.91 14.37
C19 CLR I . 11.46 11.96 12.56
C20 CLR I . 13.93 17.41 15.48
C21 CLR I . 13.00 18.26 16.34
C22 CLR I . 15.37 17.92 15.60
C23 CLR I . 15.60 18.62 16.93
C24 CLR I . 16.87 19.47 16.87
C25 CLR I . 16.82 20.62 17.88
C26 CLR I . 17.51 21.86 17.31
C27 CLR I . 15.39 20.94 18.31
O1 CLR I . 8.47 11.05 8.67
C1 PLM J . 8.32 24.13 -16.99
O1 PLM J . 8.68 23.30 -16.12
O2 PLM J . 7.92 23.92 -18.16
C2 PLM J . 8.40 25.62 -16.52
C3 PLM J . 8.64 25.85 -15.04
C4 PLM J . 10.11 25.76 -14.61
C5 PLM J . 10.30 25.14 -13.21
C6 PLM J . 9.63 23.77 -13.04
C7 PLM J . 9.56 23.30 -11.59
C8 PLM J . 10.86 23.50 -10.81
C9 PLM J . 10.75 23.14 -9.33
CA PLM J . 9.56 23.81 -8.62
CB PLM J . 8.88 22.89 -7.61
CC PLM J . 8.30 21.61 -8.23
CD PLM J . 8.34 20.40 -7.30
CE PLM J . 7.78 20.69 -5.90
CF PLM J . 8.84 20.59 -4.79
CG PLM J . 8.45 21.35 -3.51
#